data_4CC1
#
_entry.id   4CC1
#
_cell.length_a   55.950
_cell.length_b   60.560
_cell.length_c   63.030
_cell.angle_alpha   92.89
_cell.angle_beta   104.95
_cell.angle_gamma   105.92
#
_symmetry.space_group_name_H-M   'P 1'
#
loop_
_entity.id
_entity.type
_entity.pdbx_description
1 polymer 'PROTEIN JAGGED-1'
2 non-polymer 2-acetamido-2-deoxy-beta-D-glucopyranose
3 non-polymer alpha-L-fucopyranose
4 non-polymer 'CALCIUM ION'
5 non-polymer 'CHLORIDE ION'
6 non-polymer 1,2-ETHANEDIOL
7 water water
#
_entity_poly.entity_id   1
_entity_poly.type   'polypeptide(L)'
_entity_poly.pdbx_seq_one_letter_code
;SGQFELEILSMQNVNGELQNGNCCGGARNPGDRKCTRDECDTYFKVCLKEYQSRVTAGGPCSFGSGSTPVIGGNTFNLKA
SRGNDRNRIVLPFSFAWPRSYTLLVEAWDSSNDTVQPDSIIEKASHSGMINPSRQWQTLKQNTGVAHFEYQIRVTCDDYY
YGFGCNKFCRPRDDFFGHYACDQNGNKTCMEGWMGPECNRAICRQGCSPKHGSCKLPGDCRCQYGWQGLYCDKCIPHPGC
VHGICNEPWQCLCETNWGGQLCDKDLNYCGTHQPCLNGGTCSNTGPDKYQCSCPEGYSGPNCEIVDHHHHHH
;
_entity_poly.pdbx_strand_id   A,B
#
loop_
_chem_comp.id
_chem_comp.type
_chem_comp.name
_chem_comp.formula
CA non-polymer 'CALCIUM ION' 'Ca 2'
CL non-polymer 'CHLORIDE ION' 'Cl -1'
EDO non-polymer 1,2-ETHANEDIOL 'C2 H6 O2'
FUC L-saccharide, alpha linking alpha-L-fucopyranose 'C6 H12 O5'
NAG D-saccharide, beta linking 2-acetamido-2-deoxy-beta-D-glucopyranose 'C8 H15 N O6'
#
# COMPACT_ATOMS: atom_id res chain seq x y z
N SER A 1 -7.32 -1.87 -13.64
CA SER A 1 -7.15 -1.97 -15.09
C SER A 1 -8.41 -1.62 -15.92
N GLY A 2 -9.44 -2.47 -15.90
CA GLY A 2 -10.67 -2.19 -16.67
C GLY A 2 -11.95 -2.68 -16.06
N GLN A 3 -13.08 -2.42 -16.77
CA GLN A 3 -14.44 -2.79 -16.37
C GLN A 3 -15.37 -3.10 -17.52
N PHE A 4 -15.99 -4.26 -17.48
CA PHE A 4 -16.98 -4.60 -18.47
C PHE A 4 -18.32 -4.33 -17.76
N GLU A 5 -19.11 -3.41 -18.27
CA GLU A 5 -20.38 -3.01 -17.65
C GLU A 5 -21.53 -3.33 -18.55
N LEU A 6 -22.61 -3.79 -17.97
CA LEU A 6 -23.84 -4.15 -18.68
C LEU A 6 -25.04 -3.45 -17.98
N GLU A 7 -25.89 -2.78 -18.75
CA GLU A 7 -27.05 -2.06 -18.22
C GLU A 7 -28.33 -2.57 -18.90
N ILE A 8 -29.32 -2.97 -18.09
CA ILE A 8 -30.63 -3.42 -18.60
C ILE A 8 -31.42 -2.17 -19.00
N LEU A 9 -31.98 -2.17 -20.22
CA LEU A 9 -32.71 -1.03 -20.77
C LEU A 9 -34.21 -1.19 -20.73
N SER A 10 -34.71 -2.37 -21.10
CA SER A 10 -36.13 -2.68 -21.12
C SER A 10 -36.37 -4.19 -21.21
N MET A 11 -37.55 -4.61 -20.80
CA MET A 11 -38.04 -5.96 -20.85
C MET A 11 -39.49 -5.86 -21.25
N GLN A 12 -39.95 -6.84 -22.02
CA GLN A 12 -41.33 -6.91 -22.46
C GLN A 12 -41.77 -8.37 -22.49
N ASN A 13 -42.64 -8.75 -21.53
CA ASN A 13 -43.22 -10.08 -21.38
C ASN A 13 -44.73 -9.95 -21.18
N VAL A 14 -45.43 -9.50 -22.24
CA VAL A 14 -46.85 -9.19 -22.29
C VAL A 14 -47.71 -10.22 -21.53
N ASN A 15 -47.52 -11.52 -21.79
CA ASN A 15 -48.32 -12.50 -21.09
C ASN A 15 -47.76 -12.85 -19.71
N GLY A 16 -46.47 -13.12 -19.62
CA GLY A 16 -45.83 -13.50 -18.37
C GLY A 16 -45.48 -14.97 -18.39
N GLU A 17 -44.84 -15.39 -19.49
CA GLU A 17 -44.41 -16.75 -19.78
C GLU A 17 -42.92 -16.95 -19.56
N LEU A 18 -42.57 -18.17 -19.15
CA LEU A 18 -41.20 -18.63 -18.98
C LEU A 18 -40.77 -19.31 -20.31
N GLN A 19 -39.48 -19.76 -20.39
CA GLN A 19 -38.91 -20.47 -21.54
C GLN A 19 -39.71 -21.76 -21.85
N ASN A 20 -40.09 -22.52 -20.78
CA ASN A 20 -40.86 -23.78 -20.80
C ASN A 20 -42.35 -23.67 -21.21
N GLY A 21 -42.77 -22.47 -21.62
CA GLY A 21 -44.13 -22.20 -22.06
C GLY A 21 -45.14 -21.91 -20.97
N ASN A 22 -44.82 -22.25 -19.70
CA ASN A 22 -45.71 -22.05 -18.55
C ASN A 22 -45.72 -20.61 -18.07
N CYS A 23 -46.69 -20.25 -17.24
CA CYS A 23 -46.78 -18.90 -16.69
C CYS A 23 -45.86 -18.74 -15.52
N CYS A 24 -45.72 -17.47 -15.09
CA CYS A 24 -45.02 -17.08 -13.89
C CYS A 24 -46.10 -17.15 -12.79
N GLY A 25 -45.93 -18.09 -11.87
CA GLY A 25 -46.84 -18.29 -10.73
C GLY A 25 -47.68 -19.56 -10.77
N GLY A 26 -48.86 -19.45 -11.38
CA GLY A 26 -49.77 -20.57 -11.46
C GLY A 26 -50.44 -20.85 -12.78
N ALA A 27 -51.78 -20.70 -12.77
CA ALA A 27 -52.72 -21.01 -13.84
C ALA A 27 -52.88 -19.96 -14.94
N ARG A 28 -53.07 -20.50 -16.15
CA ARG A 28 -53.32 -19.82 -17.41
C ARG A 28 -54.84 -19.95 -17.67
N ASN A 29 -55.56 -18.82 -17.75
CA ASN A 29 -57.00 -18.79 -17.99
C ASN A 29 -57.31 -19.43 -19.37
N PRO A 30 -58.08 -20.55 -19.40
CA PRO A 30 -58.32 -21.28 -20.68
C PRO A 30 -59.02 -20.50 -21.79
N GLY A 31 -58.63 -20.79 -23.04
CA GLY A 31 -59.21 -20.18 -24.25
C GLY A 31 -58.36 -19.09 -24.86
N ASP A 32 -58.28 -17.93 -24.17
CA ASP A 32 -57.47 -16.78 -24.57
C ASP A 32 -55.98 -17.01 -24.21
N ARG A 33 -55.73 -17.97 -23.28
CA ARG A 33 -54.43 -18.40 -22.77
C ARG A 33 -53.68 -17.27 -22.02
N LYS A 34 -54.42 -16.29 -21.48
CA LYS A 34 -53.78 -15.15 -20.80
C LYS A 34 -53.30 -15.56 -19.42
N CYS A 35 -52.07 -15.18 -19.03
CA CYS A 35 -51.54 -15.46 -17.68
C CYS A 35 -51.98 -14.25 -16.88
N THR A 36 -52.72 -14.47 -15.79
CA THR A 36 -53.34 -13.41 -15.01
C THR A 36 -53.07 -13.44 -13.53
N ARG A 37 -52.90 -14.66 -12.97
CA ARG A 37 -52.68 -14.91 -11.54
C ARG A 37 -51.60 -14.02 -10.89
N ASP A 38 -50.38 -13.96 -11.49
CA ASP A 38 -49.26 -13.12 -11.01
C ASP A 38 -48.24 -12.76 -12.08
N GLU A 39 -47.55 -11.61 -11.90
CA GLU A 39 -46.50 -11.10 -12.78
C GLU A 39 -45.12 -11.67 -12.41
N CYS A 40 -44.21 -11.82 -13.39
CA CYS A 40 -42.86 -12.34 -13.12
C CYS A 40 -42.06 -11.36 -12.27
N ASP A 41 -41.16 -11.90 -11.48
CA ASP A 41 -40.27 -11.12 -10.64
C ASP A 41 -38.94 -11.23 -11.33
N THR A 42 -38.77 -10.37 -12.35
CA THR A 42 -37.65 -10.38 -13.27
C THR A 42 -36.37 -9.80 -12.71
N TYR A 43 -35.33 -10.63 -12.78
CA TYR A 43 -33.95 -10.33 -12.46
C TYR A 43 -33.04 -10.86 -13.58
N PHE A 44 -31.79 -10.43 -13.63
CA PHE A 44 -30.90 -10.82 -14.71
C PHE A 44 -29.61 -11.43 -14.26
N LYS A 45 -29.21 -12.52 -14.92
CA LYS A 45 -27.95 -13.19 -14.62
C LYS A 45 -27.02 -12.92 -15.79
N VAL A 46 -25.73 -12.72 -15.54
CA VAL A 46 -24.73 -12.38 -16.57
C VAL A 46 -23.50 -13.24 -16.40
N CYS A 47 -22.99 -13.75 -17.50
CA CYS A 47 -21.80 -14.55 -17.53
C CYS A 47 -20.91 -14.03 -18.65
N LEU A 48 -19.63 -13.73 -18.33
CA LEU A 48 -18.61 -13.24 -19.27
C LEU A 48 -17.38 -14.16 -19.36
N LYS A 49 -17.00 -14.55 -20.57
CA LYS A 49 -15.92 -15.49 -20.76
C LYS A 49 -15.19 -15.35 -22.10
N GLU A 50 -14.12 -16.13 -22.24
CA GLU A 50 -13.25 -16.25 -23.39
C GLU A 50 -14.08 -16.45 -24.63
N TYR A 51 -13.59 -15.91 -25.75
CA TYR A 51 -14.26 -16.01 -27.05
C TYR A 51 -14.45 -17.47 -27.41
N GLN A 52 -15.63 -17.77 -27.96
CA GLN A 52 -16.00 -19.10 -28.44
C GLN A 52 -16.53 -18.97 -29.85
N SER A 53 -15.77 -19.58 -30.79
CA SER A 53 -16.05 -19.69 -32.22
C SER A 53 -17.41 -20.40 -32.40
N ARG A 54 -17.77 -21.33 -31.47
CA ARG A 54 -19.02 -22.08 -31.36
C ARG A 54 -19.45 -22.01 -29.87
N VAL A 55 -20.39 -21.07 -29.57
CA VAL A 55 -20.89 -20.74 -28.22
C VAL A 55 -21.50 -21.93 -27.50
N THR A 56 -21.14 -22.06 -26.22
CA THR A 56 -21.64 -23.06 -25.29
C THR A 56 -22.49 -22.30 -24.22
N ALA A 57 -23.65 -22.89 -23.82
CA ALA A 57 -24.57 -22.34 -22.80
C ALA A 57 -24.06 -22.60 -21.38
N GLY A 58 -23.13 -23.57 -21.29
CA GLY A 58 -22.47 -23.97 -20.06
C GLY A 58 -20.96 -23.89 -20.15
N GLY A 59 -20.35 -23.46 -19.07
CA GLY A 59 -18.91 -23.33 -18.98
C GLY A 59 -18.52 -22.31 -17.92
N PRO A 60 -17.26 -22.36 -17.44
CA PRO A 60 -16.85 -21.38 -16.44
C PRO A 60 -16.81 -19.94 -16.98
N CYS A 61 -17.41 -19.00 -16.24
CA CYS A 61 -17.45 -17.57 -16.50
C CYS A 61 -16.07 -16.94 -16.24
N SER A 62 -15.05 -17.35 -17.04
CA SER A 62 -13.63 -16.95 -17.00
C SER A 62 -13.38 -15.52 -16.54
N PHE A 63 -14.07 -14.54 -17.16
CA PHE A 63 -13.87 -13.11 -16.92
C PHE A 63 -14.76 -12.53 -15.82
N GLY A 64 -15.79 -13.29 -15.43
CA GLY A 64 -16.70 -12.84 -14.38
C GLY A 64 -18.15 -13.14 -14.63
N SER A 65 -18.96 -12.93 -13.60
CA SER A 65 -20.39 -13.18 -13.60
C SER A 65 -21.04 -12.32 -12.50
N GLY A 66 -22.33 -12.15 -12.60
CA GLY A 66 -23.10 -11.37 -11.65
C GLY A 66 -24.58 -11.39 -11.98
N SER A 67 -25.37 -11.01 -11.01
CA SER A 67 -26.82 -11.02 -11.08
C SER A 67 -27.40 -9.68 -10.58
N THR A 68 -28.54 -9.25 -11.13
CA THR A 68 -29.22 -8.05 -10.63
C THR A 68 -30.31 -8.49 -9.64
N PRO A 69 -30.69 -7.63 -8.65
CA PRO A 69 -31.90 -7.96 -7.86
C PRO A 69 -33.14 -7.84 -8.77
N VAL A 70 -34.35 -8.21 -8.28
CA VAL A 70 -35.58 -8.07 -9.08
C VAL A 70 -35.75 -6.59 -9.46
N ILE A 71 -35.78 -6.28 -10.75
CA ILE A 71 -35.88 -4.87 -11.16
C ILE A 71 -37.19 -4.52 -11.85
N GLY A 72 -38.15 -5.44 -11.86
CA GLY A 72 -39.42 -5.16 -12.50
C GLY A 72 -40.32 -6.36 -12.61
N GLY A 73 -41.50 -6.10 -13.14
CA GLY A 73 -42.54 -7.11 -13.31
C GLY A 73 -42.39 -7.84 -14.63
N ASN A 74 -43.46 -7.85 -15.42
CA ASN A 74 -43.49 -8.49 -16.74
C ASN A 74 -42.76 -7.60 -17.73
N THR A 75 -43.16 -6.33 -17.75
CA THR A 75 -42.69 -5.30 -18.66
C THR A 75 -42.20 -4.09 -17.87
N PHE A 76 -41.07 -3.53 -18.35
CA PHE A 76 -40.44 -2.32 -17.84
C PHE A 76 -39.63 -1.62 -18.91
N ASN A 77 -39.49 -0.32 -18.78
CA ASN A 77 -38.76 0.51 -19.73
C ASN A 77 -37.92 1.48 -18.93
N LEU A 78 -36.61 1.36 -19.05
CA LEU A 78 -35.69 2.20 -18.31
C LEU A 78 -34.81 2.96 -19.31
N LYS A 79 -35.29 3.04 -20.56
CA LYS A 79 -34.62 3.64 -21.70
C LYS A 79 -34.46 5.15 -21.62
N ALA A 80 -35.26 5.83 -20.80
CA ALA A 80 -35.19 7.29 -20.57
C ALA A 80 -34.77 7.56 -19.14
N SER A 81 -34.58 6.50 -18.35
CA SER A 81 -34.12 6.52 -16.97
C SER A 81 -32.58 6.61 -16.93
N ARG A 82 -32.03 6.90 -15.76
CA ARG A 82 -30.60 7.12 -15.59
C ARG A 82 -29.77 5.85 -15.41
N GLY A 83 -30.35 4.82 -14.80
CA GLY A 83 -29.60 3.58 -14.61
C GLY A 83 -28.73 3.67 -13.38
N ASN A 84 -29.12 2.90 -12.37
CA ASN A 84 -28.49 2.83 -11.06
C ASN A 84 -27.87 1.45 -10.78
N ASP A 85 -27.40 1.23 -9.55
CA ASP A 85 -26.75 0.02 -9.08
C ASP A 85 -27.63 -1.23 -9.10
N ARG A 86 -28.96 -1.05 -9.08
CA ARG A 86 -29.89 -2.16 -9.09
C ARG A 86 -30.09 -2.73 -10.48
N ASN A 87 -29.99 -1.92 -11.52
CA ASN A 87 -30.22 -2.37 -12.90
C ASN A 87 -28.95 -2.48 -13.77
N ARG A 88 -27.79 -2.48 -13.14
CA ARG A 88 -26.54 -2.60 -13.84
C ARG A 88 -25.59 -3.61 -13.18
N ILE A 89 -24.80 -4.30 -14.01
CA ILE A 89 -23.80 -5.30 -13.62
C ILE A 89 -22.44 -4.85 -14.04
N VAL A 90 -21.53 -4.72 -13.07
CA VAL A 90 -20.16 -4.30 -13.26
C VAL A 90 -19.28 -5.54 -13.10
N LEU A 91 -18.37 -5.78 -14.05
CA LEU A 91 -17.45 -6.91 -14.02
C LEU A 91 -16.02 -6.42 -14.17
N PRO A 92 -15.28 -6.18 -13.06
CA PRO A 92 -13.89 -5.69 -13.20
C PRO A 92 -12.91 -6.74 -13.67
N PHE A 93 -11.83 -6.29 -14.32
CA PHE A 93 -10.79 -7.17 -14.81
C PHE A 93 -9.41 -6.52 -14.68
N SER A 94 -8.37 -7.34 -14.44
CA SER A 94 -6.97 -6.91 -14.26
C SER A 94 -6.08 -7.40 -15.41
N PHE A 95 -6.57 -8.40 -16.16
CA PHE A 95 -5.86 -8.94 -17.32
C PHE A 95 -6.02 -7.94 -18.49
N ALA A 96 -5.14 -8.06 -19.50
CA ALA A 96 -5.22 -7.21 -20.68
C ALA A 96 -6.47 -7.67 -21.43
N TRP A 97 -7.27 -6.73 -21.89
CA TRP A 97 -8.53 -7.04 -22.55
C TRP A 97 -8.29 -7.69 -23.92
N PRO A 98 -8.77 -8.95 -24.12
CA PRO A 98 -8.58 -9.64 -25.39
C PRO A 98 -9.44 -9.12 -26.56
N ARG A 99 -10.37 -8.17 -26.29
CA ARG A 99 -11.29 -7.59 -27.28
C ARG A 99 -12.41 -8.57 -27.59
N SER A 100 -12.07 -9.82 -27.92
CA SER A 100 -13.05 -10.86 -28.20
C SER A 100 -13.49 -11.49 -26.89
N TYR A 101 -14.79 -11.74 -26.77
CA TYR A 101 -15.44 -12.24 -25.56
C TYR A 101 -16.66 -13.02 -25.97
N THR A 102 -17.33 -13.66 -25.01
CA THR A 102 -18.59 -14.39 -25.17
C THR A 102 -19.48 -13.99 -24.02
N LEU A 103 -20.66 -13.44 -24.30
CA LEU A 103 -21.53 -12.95 -23.24
C LEU A 103 -22.83 -13.67 -23.20
N LEU A 104 -23.23 -14.10 -22.00
CA LEU A 104 -24.51 -14.73 -21.75
C LEU A 104 -25.31 -13.80 -20.87
N VAL A 105 -26.54 -13.47 -21.28
CA VAL A 105 -27.43 -12.65 -20.46
C VAL A 105 -28.70 -13.42 -20.40
N GLU A 106 -29.31 -13.53 -19.20
CA GLU A 106 -30.53 -14.29 -19.00
C GLU A 106 -31.49 -13.55 -18.09
N ALA A 107 -32.78 -13.49 -18.49
CA ALA A 107 -33.86 -12.94 -17.67
C ALA A 107 -34.44 -14.14 -16.91
N TRP A 108 -34.55 -14.01 -15.58
CA TRP A 108 -35.08 -15.06 -14.71
C TRP A 108 -36.24 -14.55 -13.88
N ASP A 109 -36.98 -15.48 -13.26
CA ASP A 109 -38.09 -15.16 -12.39
C ASP A 109 -37.82 -15.67 -10.98
N SER A 110 -37.99 -14.81 -9.97
CA SER A 110 -37.80 -15.17 -8.57
C SER A 110 -39.03 -15.90 -7.99
N SER A 111 -38.76 -17.01 -7.28
CA SER A 111 -39.72 -17.91 -6.64
C SER A 111 -39.09 -18.46 -5.33
N ASN A 112 -38.87 -17.54 -4.37
CA ASN A 112 -38.29 -17.84 -3.05
C ASN A 112 -39.40 -17.90 -1.97
N ASP A 113 -40.50 -17.14 -2.18
CA ASP A 113 -41.66 -17.11 -1.29
C ASP A 113 -42.70 -18.21 -1.66
N THR A 114 -42.32 -19.11 -2.61
CA THR A 114 -43.14 -20.24 -3.09
C THR A 114 -42.38 -21.58 -2.96
N VAL A 115 -43.04 -22.68 -3.39
CA VAL A 115 -42.53 -24.06 -3.34
C VAL A 115 -41.69 -24.40 -4.57
N GLN A 116 -42.01 -23.78 -5.73
CA GLN A 116 -41.29 -23.96 -7.01
C GLN A 116 -39.97 -23.12 -7.05
N PRO A 117 -38.94 -23.52 -7.82
CA PRO A 117 -37.69 -22.73 -7.82
C PRO A 117 -37.70 -21.60 -8.87
N ASP A 118 -36.61 -20.80 -8.90
CA ASP A 118 -36.41 -19.75 -9.89
C ASP A 118 -36.25 -20.39 -11.27
N SER A 119 -36.99 -19.84 -12.26
CA SER A 119 -37.05 -20.35 -13.64
C SER A 119 -36.67 -19.29 -14.64
N ILE A 120 -36.08 -19.72 -15.78
CA ILE A 120 -35.62 -18.87 -16.89
C ILE A 120 -36.78 -18.38 -17.79
N ILE A 121 -36.85 -17.06 -17.96
CA ILE A 121 -37.84 -16.38 -18.78
C ILE A 121 -37.35 -16.37 -20.23
N GLU A 122 -36.10 -15.92 -20.46
CA GLU A 122 -35.39 -15.82 -21.74
C GLU A 122 -33.85 -15.90 -21.53
N LYS A 123 -33.10 -16.28 -22.58
CA LYS A 123 -31.65 -16.48 -22.60
C LYS A 123 -31.08 -15.90 -23.87
N ALA A 124 -30.12 -14.96 -23.72
CA ALA A 124 -29.38 -14.24 -24.78
C ALA A 124 -27.89 -14.65 -24.77
N SER A 125 -27.31 -14.82 -25.97
CA SER A 125 -25.92 -15.21 -26.11
C SER A 125 -25.30 -14.69 -27.41
N HIS A 126 -24.06 -14.21 -27.35
CA HIS A 126 -23.35 -13.72 -28.50
C HIS A 126 -21.91 -13.68 -28.15
N SER A 127 -21.08 -13.65 -29.17
CA SER A 127 -19.63 -13.51 -29.14
C SER A 127 -19.33 -12.32 -30.04
N GLY A 128 -18.41 -11.49 -29.61
CA GLY A 128 -18.06 -10.33 -30.39
C GLY A 128 -16.72 -9.75 -30.01
N MET A 129 -16.51 -8.51 -30.43
CA MET A 129 -15.30 -7.76 -30.17
C MET A 129 -15.68 -6.39 -29.75
N ILE A 130 -14.96 -5.87 -28.76
CA ILE A 130 -15.25 -4.58 -28.13
C ILE A 130 -13.97 -4.00 -27.60
N ASN A 131 -13.76 -2.73 -27.87
CA ASN A 131 -12.58 -1.99 -27.45
C ASN A 131 -12.95 -1.02 -26.35
N PRO A 132 -12.00 -0.69 -25.49
CA PRO A 132 -12.31 0.26 -24.42
C PRO A 132 -12.81 1.61 -24.94
N SER A 133 -14.04 1.93 -24.58
CA SER A 133 -14.73 3.17 -24.90
C SER A 133 -15.83 3.40 -23.89
N ARG A 134 -16.10 4.67 -23.61
CA ARG A 134 -17.17 5.20 -22.77
C ARG A 134 -18.53 4.96 -23.49
N GLN A 135 -18.51 4.75 -24.82
CA GLN A 135 -19.71 4.59 -25.61
C GLN A 135 -20.31 3.22 -25.46
N TRP A 136 -21.58 3.18 -25.00
CA TRP A 136 -22.43 2.01 -24.84
C TRP A 136 -22.79 1.39 -26.20
N GLN A 137 -22.88 0.04 -26.25
CA GLN A 137 -23.29 -0.73 -27.42
C GLN A 137 -24.64 -1.34 -27.07
N THR A 138 -25.68 -1.09 -27.89
CA THR A 138 -27.01 -1.61 -27.59
C THR A 138 -27.28 -2.92 -28.29
N LEU A 139 -27.83 -3.88 -27.53
CA LEU A 139 -28.17 -5.21 -27.99
C LEU A 139 -29.61 -5.57 -27.62
N LYS A 140 -30.37 -6.06 -28.61
CA LYS A 140 -31.78 -6.46 -28.47
C LYS A 140 -31.91 -7.98 -28.59
N GLN A 141 -32.66 -8.57 -27.69
CA GLN A 141 -32.97 -9.98 -27.73
C GLN A 141 -34.46 -9.95 -27.99
N ASN A 142 -34.90 -10.28 -29.21
CA ASN A 142 -36.33 -10.21 -29.52
C ASN A 142 -36.93 -11.47 -30.17
N THR A 143 -36.08 -12.45 -30.45
CA THR A 143 -36.39 -13.72 -31.10
C THR A 143 -37.61 -14.49 -30.49
N GLY A 144 -37.70 -14.53 -29.15
CA GLY A 144 -38.73 -15.25 -28.41
C GLY A 144 -40.02 -14.51 -28.11
N VAL A 145 -40.68 -14.95 -27.01
CA VAL A 145 -41.96 -14.45 -26.48
C VAL A 145 -41.69 -13.16 -25.66
N ALA A 146 -40.66 -13.27 -24.80
CA ALA A 146 -40.18 -12.19 -23.98
C ALA A 146 -39.04 -11.56 -24.73
N HIS A 147 -38.97 -10.25 -24.67
CA HIS A 147 -37.88 -9.53 -25.30
C HIS A 147 -37.26 -8.65 -24.24
N PHE A 148 -35.97 -8.36 -24.40
CA PHE A 148 -35.22 -7.46 -23.54
C PHE A 148 -34.12 -6.73 -24.32
N GLU A 149 -33.76 -5.56 -23.83
CA GLU A 149 -32.71 -4.73 -24.39
C GLU A 149 -31.73 -4.50 -23.29
N TYR A 150 -30.44 -4.54 -23.65
CA TYR A 150 -29.30 -4.27 -22.78
C TYR A 150 -28.24 -3.59 -23.57
N GLN A 151 -27.34 -2.92 -22.87
CA GLN A 151 -26.19 -2.23 -23.44
C GLN A 151 -24.92 -2.55 -22.63
N ILE A 152 -23.80 -2.69 -23.33
CA ILE A 152 -22.50 -3.06 -22.78
C ILE A 152 -21.40 -2.11 -23.19
N ARG A 153 -20.32 -2.04 -22.40
CA ARG A 153 -19.12 -1.27 -22.69
C ARG A 153 -17.95 -1.83 -21.87
N VAL A 154 -16.72 -1.38 -22.19
CA VAL A 154 -15.44 -1.75 -21.58
C VAL A 154 -14.71 -0.41 -21.37
N THR A 155 -14.41 -0.07 -20.12
CA THR A 155 -13.74 1.19 -19.84
C THR A 155 -12.46 0.94 -19.07
N CYS A 156 -11.48 1.82 -19.26
CA CYS A 156 -10.23 1.72 -18.57
C CYS A 156 -10.30 2.49 -17.27
N ASP A 157 -9.75 1.86 -16.19
CA ASP A 157 -9.65 2.43 -14.86
C ASP A 157 -8.68 3.60 -14.94
N ASP A 158 -8.73 4.56 -13.99
CA ASP A 158 -7.83 5.72 -13.98
C ASP A 158 -6.36 5.34 -14.25
N TYR A 159 -5.70 6.12 -15.10
CA TYR A 159 -4.29 6.01 -15.47
C TYR A 159 -3.97 4.81 -16.39
N TYR A 160 -4.99 4.06 -16.84
CA TYR A 160 -4.78 2.96 -17.78
C TYR A 160 -5.16 3.32 -19.19
N TYR A 161 -4.31 2.89 -20.14
CA TYR A 161 -4.36 3.19 -21.55
C TYR A 161 -4.30 1.94 -22.45
N GLY A 162 -4.49 2.18 -23.76
CA GLY A 162 -4.45 1.14 -24.78
C GLY A 162 -5.70 0.29 -24.90
N PHE A 163 -5.71 -0.60 -25.93
CA PHE A 163 -6.80 -1.53 -26.28
C PHE A 163 -7.06 -2.62 -25.28
N GLY A 164 -6.11 -2.83 -24.38
CA GLY A 164 -6.26 -3.86 -23.36
C GLY A 164 -6.32 -3.31 -21.95
N CYS A 165 -6.36 -1.96 -21.79
CA CYS A 165 -6.37 -1.22 -20.52
C CYS A 165 -5.21 -1.58 -19.63
N ASN A 166 -4.07 -1.99 -20.23
CA ASN A 166 -2.90 -2.48 -19.47
C ASN A 166 -1.82 -1.45 -19.28
N LYS A 167 -1.61 -0.54 -20.26
CA LYS A 167 -0.55 0.46 -20.23
C LYS A 167 -0.84 1.51 -19.17
N PHE A 168 -0.14 1.40 -18.01
CA PHE A 168 -0.28 2.38 -16.93
C PHE A 168 0.59 3.57 -17.20
N CYS A 169 0.09 4.76 -16.87
CA CYS A 169 0.83 6.00 -16.93
C CYS A 169 0.22 7.01 -15.99
N ARG A 170 0.97 7.41 -14.98
CA ARG A 170 0.57 8.46 -14.05
C ARG A 170 1.71 9.50 -14.05
N PRO A 171 1.44 10.80 -14.30
CA PRO A 171 2.54 11.80 -14.36
C PRO A 171 3.28 12.05 -13.04
N ARG A 172 4.59 12.44 -13.15
CA ARG A 172 5.50 12.67 -12.00
C ARG A 172 6.39 13.86 -12.14
N ASP A 173 6.95 14.32 -10.98
CA ASP A 173 8.00 15.34 -10.83
C ASP A 173 8.80 15.01 -9.55
N ASP A 174 9.38 13.81 -9.51
CA ASP A 174 10.19 13.36 -8.38
C ASP A 174 11.46 12.62 -8.80
N PHE A 175 12.13 11.91 -7.89
CA PHE A 175 13.37 11.17 -8.17
C PHE A 175 13.20 9.96 -9.12
N PHE A 176 11.95 9.65 -9.51
CA PHE A 176 11.67 8.54 -10.42
C PHE A 176 11.36 9.00 -11.85
N GLY A 177 10.92 10.25 -12.02
CA GLY A 177 10.64 10.81 -13.34
C GLY A 177 10.16 12.25 -13.34
N HIS A 178 10.31 12.92 -14.47
CA HIS A 178 9.84 14.29 -14.64
C HIS A 178 9.11 14.31 -15.96
N TYR A 179 7.84 13.90 -15.92
CA TYR A 179 7.04 13.78 -17.14
C TYR A 179 5.54 13.97 -16.95
N ALA A 180 4.87 14.16 -18.09
CA ALA A 180 3.43 14.29 -18.27
C ALA A 180 3.00 13.12 -19.17
N CYS A 181 1.74 12.68 -19.05
CA CYS A 181 1.28 11.61 -19.94
C CYS A 181 0.61 12.22 -21.17
N ASP A 182 0.71 11.54 -22.32
CA ASP A 182 0.01 12.00 -23.49
C ASP A 182 -1.23 11.09 -23.71
N GLN A 183 -2.06 11.37 -24.73
CA GLN A 183 -3.32 10.66 -25.06
C GLN A 183 -3.16 9.12 -25.16
N ASN A 184 -1.98 8.65 -25.61
CA ASN A 184 -1.65 7.22 -25.76
C ASN A 184 -0.94 6.60 -24.52
N GLY A 185 -0.78 7.37 -23.45
CA GLY A 185 -0.10 6.91 -22.26
C GLY A 185 1.40 6.84 -22.43
N ASN A 186 1.96 7.67 -23.31
CA ASN A 186 3.40 7.69 -23.49
C ASN A 186 3.93 8.83 -22.64
N LYS A 187 5.16 8.66 -22.15
CA LYS A 187 5.79 9.63 -21.27
C LYS A 187 6.48 10.75 -22.05
N THR A 188 5.93 11.97 -21.97
CA THR A 188 6.53 13.15 -22.62
C THR A 188 7.27 13.90 -21.53
N CYS A 189 8.60 13.98 -21.67
CA CYS A 189 9.52 14.58 -20.71
C CYS A 189 9.39 16.07 -20.56
N MET A 190 9.55 16.53 -19.33
CA MET A 190 9.54 17.93 -19.01
C MET A 190 10.76 18.57 -19.64
N GLU A 191 10.81 19.92 -19.69
CA GLU A 191 11.96 20.65 -20.25
C GLU A 191 13.16 20.39 -19.35
N GLY A 192 14.24 19.92 -19.97
CA GLY A 192 15.50 19.64 -19.30
C GLY A 192 15.75 18.18 -18.98
N TRP A 193 14.71 17.32 -19.06
CA TRP A 193 14.85 15.89 -18.78
C TRP A 193 14.79 15.03 -20.03
N MET A 194 15.36 13.84 -19.94
CA MET A 194 15.38 12.87 -21.04
C MET A 194 15.36 11.41 -20.55
N GLY A 195 15.36 10.48 -21.50
CA GLY A 195 15.38 9.06 -21.22
C GLY A 195 14.00 8.44 -21.15
N PRO A 196 13.92 7.08 -21.21
CA PRO A 196 12.61 6.40 -21.17
C PRO A 196 11.64 6.81 -20.04
N GLU A 197 12.17 7.06 -18.81
CA GLU A 197 11.32 7.45 -17.66
C GLU A 197 11.51 8.93 -17.25
N CYS A 198 12.26 9.68 -18.10
CA CYS A 198 12.60 11.09 -17.96
C CYS A 198 13.31 11.33 -16.66
N ASN A 199 14.40 10.57 -16.43
CA ASN A 199 15.17 10.68 -15.19
C ASN A 199 16.61 11.09 -15.38
N ARG A 200 16.97 11.43 -16.62
CA ARG A 200 18.28 11.92 -16.96
C ARG A 200 18.20 13.43 -17.27
N ALA A 201 18.91 14.25 -16.52
CA ALA A 201 18.93 15.69 -16.74
C ALA A 201 19.82 15.96 -17.91
N ILE A 202 19.45 16.88 -18.80
CA ILE A 202 20.26 17.26 -19.94
C ILE A 202 21.18 18.36 -19.44
N CYS A 203 22.47 18.19 -19.66
CA CYS A 203 23.45 19.12 -19.16
C CYS A 203 23.58 20.39 -19.93
N ARG A 204 24.59 21.20 -19.51
CA ARG A 204 25.01 22.44 -20.15
C ARG A 204 25.44 22.09 -21.58
N GLN A 205 25.13 22.95 -22.55
CA GLN A 205 25.50 22.69 -23.95
C GLN A 205 27.04 22.83 -24.03
N GLY A 206 27.72 21.71 -24.30
CA GLY A 206 29.17 21.68 -24.39
C GLY A 206 29.90 21.02 -23.23
N CYS A 207 29.15 20.63 -22.17
CA CYS A 207 29.65 19.94 -20.97
C CYS A 207 30.41 18.68 -21.39
N SER A 208 31.54 18.41 -20.73
CA SER A 208 32.35 17.24 -21.06
C SER A 208 31.57 15.95 -20.97
N PRO A 209 31.60 15.14 -22.03
CA PRO A 209 30.94 13.82 -21.93
C PRO A 209 31.76 12.89 -21.01
N LYS A 210 33.11 13.09 -20.97
CA LYS A 210 34.03 12.30 -20.16
C LYS A 210 34.31 12.84 -18.74
N HIS A 211 34.22 14.18 -18.50
CA HIS A 211 34.55 14.72 -17.17
C HIS A 211 33.46 15.56 -16.49
N GLY A 212 32.34 15.78 -17.18
CA GLY A 212 31.19 16.49 -16.63
C GLY A 212 29.97 15.58 -16.52
N SER A 213 29.04 15.94 -15.62
CA SER A 213 27.78 15.21 -15.34
C SER A 213 26.76 16.16 -14.71
N CYS A 214 25.49 15.71 -14.68
CA CYS A 214 24.29 16.39 -14.18
C CYS A 214 23.65 15.62 -13.10
N LYS A 215 22.91 16.33 -12.25
CA LYS A 215 21.95 15.76 -11.33
C LYS A 215 20.67 16.54 -11.64
N LEU A 216 20.82 17.85 -11.86
CA LEU A 216 19.74 18.77 -12.21
C LEU A 216 20.02 19.32 -13.61
N PRO A 217 18.97 19.56 -14.42
CA PRO A 217 19.21 20.02 -15.78
C PRO A 217 19.77 21.44 -15.85
N GLY A 218 20.71 21.60 -16.77
CA GLY A 218 21.38 22.86 -17.01
C GLY A 218 22.80 22.90 -16.52
N ASP A 219 23.04 22.45 -15.28
CA ASP A 219 24.35 22.42 -14.65
C ASP A 219 25.34 21.45 -15.37
N CYS A 220 26.62 21.49 -14.94
CA CYS A 220 27.73 20.67 -15.40
C CYS A 220 28.70 20.56 -14.21
N ARG A 221 28.60 19.44 -13.49
CA ARG A 221 29.40 19.09 -12.33
C ARG A 221 30.63 18.30 -12.76
N CYS A 222 31.79 18.79 -12.39
CA CYS A 222 33.08 18.24 -12.73
C CYS A 222 33.48 17.08 -11.90
N GLN A 223 34.05 16.06 -12.58
CA GLN A 223 34.68 14.90 -12.00
C GLN A 223 35.84 15.48 -11.21
N TYR A 224 36.28 14.77 -10.15
CA TYR A 224 37.33 15.27 -9.29
C TYR A 224 38.62 15.44 -10.07
N GLY A 225 39.16 16.66 -10.07
CA GLY A 225 40.39 16.97 -10.79
C GLY A 225 40.18 17.77 -12.05
N TRP A 226 38.94 17.88 -12.51
CA TRP A 226 38.58 18.67 -13.68
C TRP A 226 37.88 19.92 -13.20
N GLN A 227 37.93 20.96 -14.02
CA GLN A 227 37.35 22.27 -13.71
C GLN A 227 36.95 23.04 -14.98
N GLY A 228 36.33 24.19 -14.79
CA GLY A 228 35.88 25.02 -15.90
C GLY A 228 34.39 24.89 -16.13
N LEU A 229 33.83 25.79 -16.94
CA LEU A 229 32.40 25.84 -17.26
C LEU A 229 31.91 24.52 -17.87
N TYR A 230 32.75 23.87 -18.70
CA TYR A 230 32.42 22.62 -19.36
C TYR A 230 33.17 21.42 -18.82
N CYS A 231 33.88 21.56 -17.69
CA CYS A 231 34.68 20.50 -17.04
C CYS A 231 35.71 19.92 -18.01
N ASP A 232 36.22 20.82 -18.86
CA ASP A 232 37.13 20.63 -19.98
C ASP A 232 38.63 20.65 -19.60
N LYS A 233 38.99 21.39 -18.51
CA LYS A 233 40.35 21.64 -18.04
C LYS A 233 40.76 20.87 -16.79
N CYS A 234 42.00 20.38 -16.73
CA CYS A 234 42.50 19.69 -15.54
C CYS A 234 42.94 20.73 -14.52
N ILE A 235 42.99 20.31 -13.24
CA ILE A 235 43.49 21.13 -12.16
C ILE A 235 44.94 20.68 -11.97
N PRO A 236 45.91 21.63 -12.07
CA PRO A 236 47.32 21.26 -11.86
C PRO A 236 47.60 20.98 -10.39
N HIS A 237 48.75 20.37 -10.10
CA HIS A 237 49.18 20.06 -8.74
C HIS A 237 49.15 21.33 -7.86
N PRO A 238 48.58 21.31 -6.63
CA PRO A 238 48.64 22.52 -5.79
C PRO A 238 50.12 22.85 -5.52
N GLY A 239 50.47 24.12 -5.63
CA GLY A 239 51.84 24.56 -5.43
C GLY A 239 52.63 24.61 -6.71
N CYS A 240 51.99 24.28 -7.85
CA CYS A 240 52.53 24.32 -9.20
C CYS A 240 52.50 25.75 -9.69
N VAL A 241 53.69 26.31 -9.95
CA VAL A 241 53.90 27.67 -10.48
C VAL A 241 54.68 27.47 -11.80
N HIS A 242 54.42 28.23 -12.87
CA HIS A 242 55.12 28.05 -14.16
C HIS A 242 55.09 26.58 -14.69
N GLY A 243 53.94 25.96 -14.54
CA GLY A 243 53.68 24.60 -14.97
C GLY A 243 52.26 24.46 -15.45
N ILE A 244 52.03 23.46 -16.32
CA ILE A 244 50.74 23.13 -16.94
C ILE A 244 50.44 21.67 -16.62
N CYS A 245 49.24 21.20 -16.96
CA CYS A 245 48.84 19.80 -16.82
C CYS A 245 48.06 19.33 -18.07
N ASN A 246 48.02 18.02 -18.28
CA ASN A 246 47.27 17.41 -19.36
C ASN A 246 46.20 16.61 -18.67
N GLU A 247 46.61 15.92 -17.59
CA GLU A 247 45.79 15.16 -16.66
C GLU A 247 45.79 15.86 -15.28
N PRO A 248 44.81 15.60 -14.38
CA PRO A 248 44.83 16.30 -13.08
C PRO A 248 46.05 15.98 -12.20
N TRP A 249 46.43 16.98 -11.37
CA TRP A 249 47.49 16.94 -10.36
C TRP A 249 48.92 16.86 -10.96
N GLN A 250 49.04 16.98 -12.29
CA GLN A 250 50.34 17.02 -12.91
C GLN A 250 50.88 18.43 -12.78
N CYS A 251 52.19 18.56 -12.93
CA CYS A 251 52.88 19.83 -12.97
C CYS A 251 54.08 19.68 -13.94
N LEU A 252 53.74 19.84 -15.24
CA LEU A 252 54.65 19.75 -16.37
C LEU A 252 55.09 21.16 -16.65
N CYS A 253 56.36 21.39 -16.48
CA CYS A 253 57.02 22.66 -16.50
C CYS A 253 57.10 23.35 -17.81
N GLU A 254 57.03 24.69 -17.77
CA GLU A 254 57.19 25.59 -18.90
C GLU A 254 58.69 25.71 -19.23
N THR A 255 59.05 26.34 -20.34
CA THR A 255 60.45 26.46 -20.77
C THR A 255 61.27 27.23 -19.75
N ASN A 256 62.43 26.64 -19.40
CA ASN A 256 63.42 27.14 -18.45
C ASN A 256 62.90 27.23 -17.04
N TRP A 257 62.03 26.30 -16.67
CA TRP A 257 61.51 26.11 -15.32
C TRP A 257 61.59 24.65 -15.03
N GLY A 258 62.24 24.33 -13.92
CA GLY A 258 62.45 22.95 -13.51
C GLY A 258 61.91 22.67 -12.13
N GLY A 259 61.87 21.39 -11.81
CA GLY A 259 61.44 20.93 -10.50
C GLY A 259 60.09 20.29 -10.48
N GLN A 260 59.73 19.80 -9.28
CA GLN A 260 58.45 19.16 -8.96
C GLN A 260 57.35 20.18 -9.14
N LEU A 261 57.58 21.43 -8.67
CA LEU A 261 56.60 22.50 -8.73
C LEU A 261 56.95 23.59 -9.71
N CYS A 262 57.95 23.38 -10.56
CA CYS A 262 58.41 24.35 -11.57
C CYS A 262 58.67 25.74 -10.96
N ASP A 263 59.27 25.71 -9.76
CA ASP A 263 59.64 26.83 -8.91
C ASP A 263 61.08 27.24 -9.16
N LYS A 264 61.86 26.34 -9.80
CA LYS A 264 63.28 26.54 -10.07
C LYS A 264 63.54 27.11 -11.44
N ASP A 265 64.27 28.25 -11.52
CA ASP A 265 64.62 28.94 -12.76
C ASP A 265 65.88 28.39 -13.38
N LEU A 266 65.73 27.82 -14.58
CA LEU A 266 66.80 27.22 -15.37
C LEU A 266 67.53 28.24 -16.22
N ASN A 267 66.96 29.46 -16.33
CA ASN A 267 67.56 30.61 -17.02
C ASN A 267 67.56 31.85 -16.10
N TYR A 268 68.29 31.73 -14.97
CA TYR A 268 68.46 32.79 -14.00
C TYR A 268 69.12 34.02 -14.63
N CYS A 269 70.10 33.79 -15.53
CA CYS A 269 70.83 34.84 -16.25
C CYS A 269 69.93 35.79 -16.99
N GLY A 270 68.98 35.24 -17.75
CA GLY A 270 68.05 36.05 -18.51
C GLY A 270 67.00 36.74 -17.64
N THR A 271 66.46 36.00 -16.66
CA THR A 271 65.41 36.49 -15.77
C THR A 271 65.83 37.64 -14.84
N HIS A 272 67.05 37.57 -14.25
CA HIS A 272 67.51 38.55 -13.26
C HIS A 272 68.68 39.45 -13.68
N GLN A 273 69.50 39.01 -14.68
CA GLN A 273 70.71 39.72 -15.15
C GLN A 273 71.61 40.07 -13.92
N PRO A 274 72.26 39.05 -13.29
CA PRO A 274 72.95 39.29 -12.02
C PRO A 274 74.34 39.90 -12.07
N CYS A 275 75.20 39.51 -13.06
CA CYS A 275 76.57 40.03 -13.08
C CYS A 275 76.60 41.53 -13.31
N LEU A 276 77.46 42.21 -12.54
CA LEU A 276 77.62 43.65 -12.62
C LEU A 276 78.95 43.95 -13.33
N ASN A 277 79.26 45.26 -13.52
CA ASN A 277 80.48 45.82 -14.09
C ASN A 277 81.07 45.08 -15.31
N GLY A 278 80.19 44.69 -16.25
CA GLY A 278 80.55 44.02 -17.49
C GLY A 278 80.82 42.53 -17.39
N GLY A 279 80.35 41.90 -16.33
CA GLY A 279 80.52 40.47 -16.11
C GLY A 279 79.64 39.65 -17.03
N THR A 280 80.06 38.39 -17.32
CA THR A 280 79.29 37.49 -18.19
C THR A 280 78.66 36.37 -17.37
N CYS A 281 77.32 36.29 -17.43
CA CYS A 281 76.52 35.30 -16.73
C CYS A 281 76.44 34.01 -17.54
N SER A 282 76.39 32.87 -16.84
CA SER A 282 76.22 31.56 -17.44
C SER A 282 75.40 30.70 -16.47
N ASN A 283 74.25 30.16 -16.92
CA ASN A 283 73.38 29.33 -16.08
C ASN A 283 74.04 28.01 -15.67
N THR A 284 74.17 27.72 -14.36
CA THR A 284 74.82 26.50 -13.90
C THR A 284 73.82 25.53 -13.18
N GLY A 285 72.56 25.55 -13.58
CA GLY A 285 71.55 24.65 -13.01
C GLY A 285 70.31 25.32 -12.46
N PRO A 286 69.49 24.57 -11.67
CA PRO A 286 68.23 25.15 -11.11
C PRO A 286 68.48 26.24 -10.08
N ASP A 287 68.10 27.48 -10.44
CA ASP A 287 68.32 28.72 -9.66
C ASP A 287 69.83 28.98 -9.40
N LYS A 288 70.71 28.38 -10.22
CA LYS A 288 72.17 28.53 -10.17
C LYS A 288 72.70 29.21 -11.45
N TYR A 289 73.85 29.90 -11.31
CA TYR A 289 74.59 30.63 -12.35
C TYR A 289 76.00 30.90 -11.85
N GLN A 290 76.85 31.43 -12.74
CA GLN A 290 78.23 31.82 -12.43
C GLN A 290 78.60 33.07 -13.23
N CYS A 291 79.47 33.94 -12.66
CA CYS A 291 79.90 35.17 -13.32
C CYS A 291 81.34 35.15 -13.78
N SER A 292 81.58 35.55 -15.02
CA SER A 292 82.92 35.68 -15.56
C SER A 292 83.19 37.15 -15.48
N CYS A 293 83.98 37.49 -14.48
CA CYS A 293 84.30 38.85 -14.10
C CYS A 293 85.43 39.47 -14.90
N PRO A 294 85.25 40.74 -15.37
CA PRO A 294 86.35 41.42 -16.08
C PRO A 294 87.45 41.76 -15.08
N GLU A 295 88.65 42.16 -15.55
CA GLU A 295 89.77 42.45 -14.65
C GLU A 295 89.49 43.58 -13.66
N GLY A 296 89.90 43.37 -12.40
CA GLY A 296 89.71 44.32 -11.32
C GLY A 296 88.37 44.20 -10.61
N TYR A 297 87.54 43.28 -11.07
CA TYR A 297 86.23 43.00 -10.50
C TYR A 297 86.19 41.55 -10.04
N SER A 298 85.69 41.36 -8.80
CA SER A 298 85.66 40.09 -8.08
C SER A 298 84.33 39.83 -7.41
N GLY A 299 84.11 38.58 -7.01
CA GLY A 299 82.89 38.19 -6.34
C GLY A 299 81.93 37.37 -7.18
N PRO A 300 80.82 36.87 -6.56
CA PRO A 300 79.85 36.06 -7.31
C PRO A 300 79.15 36.82 -8.43
N ASN A 301 79.07 38.16 -8.34
CA ASN A 301 78.43 39.06 -9.31
C ASN A 301 79.31 40.22 -9.77
N CYS A 302 80.65 40.12 -9.58
CA CYS A 302 81.64 41.15 -9.93
C CYS A 302 81.41 42.47 -9.17
N GLU A 303 80.89 42.36 -7.94
CA GLU A 303 80.59 43.50 -7.08
C GLU A 303 81.80 44.04 -6.28
N ILE A 304 82.89 43.24 -6.15
CA ILE A 304 84.10 43.67 -5.45
C ILE A 304 85.08 44.32 -6.42
N VAL A 305 85.22 45.65 -6.32
CA VAL A 305 86.04 46.52 -7.16
C VAL A 305 87.47 46.58 -6.60
N ASP A 306 88.44 47.11 -7.40
CA ASP A 306 89.87 47.29 -7.10
C ASP A 306 90.56 45.99 -6.71
N SER B 1 5.94 2.70 15.61
CA SER B 1 7.37 2.95 15.82
C SER B 1 8.33 2.04 15.03
N GLY B 2 9.38 2.63 14.49
CA GLY B 2 10.43 1.94 13.77
C GLY B 2 11.81 2.51 14.05
N GLN B 3 12.84 2.00 13.37
CA GLN B 3 14.23 2.51 13.47
C GLN B 3 14.75 2.67 12.04
N PHE B 4 15.35 3.81 11.74
CA PHE B 4 16.10 4.02 10.53
C PHE B 4 17.57 3.82 10.99
N GLU B 5 18.26 2.82 10.43
CA GLU B 5 19.64 2.50 10.84
C GLU B 5 20.57 2.70 9.70
N LEU B 6 21.76 3.21 9.99
CA LEU B 6 22.80 3.48 9.00
C LEU B 6 24.12 2.87 9.51
N GLU B 7 24.81 2.09 8.66
CA GLU B 7 26.07 1.44 9.01
C GLU B 7 27.17 1.86 8.03
N ILE B 8 28.29 2.34 8.55
CA ILE B 8 29.45 2.73 7.74
C ILE B 8 30.17 1.44 7.33
N LEU B 9 30.47 1.31 6.03
CA LEU B 9 31.08 0.11 5.46
C LEU B 9 32.54 0.25 5.16
N SER B 10 32.93 1.38 4.55
CA SER B 10 34.30 1.68 4.16
C SER B 10 34.50 3.17 3.85
N MET B 11 35.74 3.62 3.93
CA MET B 11 36.17 4.96 3.65
C MET B 11 37.49 4.82 2.95
N GLN B 12 37.76 5.71 2.00
CA GLN B 12 39.00 5.74 1.26
C GLN B 12 39.42 7.21 1.00
N ASN B 13 40.45 7.67 1.71
CA ASN B 13 41.03 9.01 1.59
C ASN B 13 42.56 8.89 1.46
N VAL B 14 43.00 8.32 0.32
CA VAL B 14 44.40 8.04 -0.02
C VAL B 14 45.34 9.19 0.37
N ASN B 15 44.94 10.44 0.00
CA ASN B 15 45.67 11.69 0.22
C ASN B 15 45.75 12.01 1.68
N GLY B 16 44.61 12.34 2.27
CA GLY B 16 44.45 12.77 3.66
C GLY B 16 44.00 14.21 3.61
N GLU B 17 43.09 14.47 2.69
CA GLU B 17 42.60 15.79 2.37
C GLU B 17 41.20 16.03 2.84
N LEU B 18 40.90 17.31 3.15
CA LEU B 18 39.58 17.80 3.51
C LEU B 18 38.90 18.32 2.21
N GLN B 19 37.62 18.74 2.31
CA GLN B 19 36.83 19.30 1.20
C GLN B 19 37.51 20.56 0.63
N ASN B 20 38.07 21.43 1.51
CA ASN B 20 38.80 22.70 1.19
C ASN B 20 40.18 22.53 0.52
N GLY B 21 40.55 21.30 0.18
CA GLY B 21 41.81 20.96 -0.47
C GLY B 21 43.01 20.80 0.44
N ASN B 22 42.92 21.30 1.69
CA ASN B 22 44.00 21.24 2.67
C ASN B 22 44.15 19.85 3.29
N CYS B 23 45.26 19.60 3.97
CA CYS B 23 45.48 18.32 4.63
C CYS B 23 44.78 18.30 5.95
N CYS B 24 44.45 17.09 6.40
CA CYS B 24 43.82 16.81 7.68
C CYS B 24 44.78 17.28 8.77
N GLY B 25 46.08 17.05 8.57
CA GLY B 25 47.17 17.42 9.47
C GLY B 25 47.78 18.79 9.28
N GLY B 26 47.03 19.69 8.61
CA GLY B 26 47.37 21.08 8.36
C GLY B 26 48.05 21.43 7.04
N ALA B 27 49.35 21.74 7.14
CA ALA B 27 50.19 22.17 6.02
C ALA B 27 50.87 21.01 5.31
N ARG B 28 50.84 21.06 3.96
CA ARG B 28 51.42 20.13 2.99
C ARG B 28 52.93 20.27 3.05
N ASN B 29 53.66 19.20 2.68
CA ASN B 29 55.12 19.16 2.69
C ASN B 29 55.76 20.34 1.92
N PRO B 30 56.98 20.80 2.32
CA PRO B 30 57.61 21.94 1.63
C PRO B 30 57.80 21.78 0.12
N GLY B 31 58.49 20.71 -0.29
CA GLY B 31 58.84 20.43 -1.68
C GLY B 31 57.78 19.69 -2.46
N ASP B 32 57.59 18.38 -2.16
CA ASP B 32 56.61 17.48 -2.81
C ASP B 32 55.18 18.00 -2.77
N ARG B 33 54.87 18.92 -1.81
CA ARG B 33 53.59 19.58 -1.59
C ARG B 33 52.44 18.55 -1.40
N LYS B 34 52.81 17.38 -0.87
CA LYS B 34 51.87 16.32 -0.60
C LYS B 34 51.47 16.31 0.88
N CYS B 35 50.37 15.61 1.20
CA CYS B 35 49.87 15.50 2.56
C CYS B 35 50.78 14.60 3.35
N THR B 36 50.72 13.27 3.13
CA THR B 36 51.56 12.24 3.78
C THR B 36 51.44 12.35 5.32
N ARG B 37 52.51 12.02 6.08
CA ARG B 37 52.63 12.12 7.55
C ARG B 37 51.35 11.68 8.31
N ASP B 38 50.71 12.64 9.05
CA ASP B 38 49.49 12.48 9.86
C ASP B 38 48.26 11.98 9.08
N GLU B 39 47.32 11.32 9.79
CA GLU B 39 46.09 10.79 9.20
C GLU B 39 44.84 11.41 9.80
N CYS B 40 43.73 11.42 9.02
CA CYS B 40 42.44 11.95 9.48
C CYS B 40 41.93 11.14 10.64
N ASP B 41 41.15 11.79 11.51
CA ASP B 41 40.47 11.12 12.60
C ASP B 41 39.00 11.16 12.19
N THR B 42 38.64 10.20 11.33
CA THR B 42 37.34 10.15 10.67
C THR B 42 36.21 9.64 11.53
N TYR B 43 35.17 10.47 11.59
CA TYR B 43 33.89 10.22 12.22
C TYR B 43 32.76 10.65 11.26
N PHE B 44 31.54 10.25 11.52
CA PHE B 44 30.43 10.51 10.62
C PHE B 44 29.25 11.18 11.27
N LYS B 45 28.73 12.19 10.60
CA LYS B 45 27.53 12.89 11.08
C LYS B 45 26.38 12.51 10.15
N VAL B 46 25.18 12.34 10.68
CA VAL B 46 24.02 11.91 9.89
C VAL B 46 22.83 12.80 10.20
N CYS B 47 22.10 13.17 9.15
CA CYS B 47 20.91 13.98 9.28
C CYS B 47 19.85 13.34 8.41
N LEU B 48 18.68 13.07 8.97
CA LEU B 48 17.58 12.47 8.23
C LEU B 48 16.38 13.40 8.28
N LYS B 49 15.79 13.67 7.11
CA LYS B 49 14.63 14.54 7.00
C LYS B 49 13.68 14.08 5.89
N GLU B 50 12.48 14.66 5.86
CA GLU B 50 11.42 14.40 4.89
C GLU B 50 11.87 14.79 3.50
N TYR B 51 11.30 14.15 2.48
CA TYR B 51 11.62 14.46 1.09
C TYR B 51 10.87 15.71 0.62
N GLN B 52 11.57 16.61 -0.14
CA GLN B 52 11.05 17.84 -0.74
C GLN B 52 11.78 18.16 -2.05
N SER B 53 11.01 18.34 -3.16
CA SER B 53 11.50 18.62 -4.53
C SER B 53 12.51 19.78 -4.57
N ARG B 54 12.16 20.91 -3.90
CA ARG B 54 13.06 22.05 -3.77
C ARG B 54 13.90 21.86 -2.52
N VAL B 55 15.11 21.27 -2.73
CA VAL B 55 16.10 20.92 -1.69
C VAL B 55 16.65 22.15 -0.96
N THR B 56 17.22 21.92 0.24
CA THR B 56 17.88 22.90 1.13
C THR B 56 19.22 22.30 1.56
N ALA B 57 20.31 23.11 1.50
CA ALA B 57 21.69 22.73 1.85
C ALA B 57 21.76 22.14 3.27
N GLY B 58 21.14 22.87 4.20
CA GLY B 58 21.06 22.52 5.61
C GLY B 58 19.78 23.06 6.21
N GLY B 59 18.85 22.14 6.44
CA GLY B 59 17.55 22.38 7.06
C GLY B 59 17.42 21.56 8.33
N PRO B 60 16.29 21.70 9.06
CA PRO B 60 16.13 20.91 10.30
C PRO B 60 16.01 19.40 10.03
N CYS B 61 16.77 18.59 10.79
CA CYS B 61 16.80 17.13 10.72
C CYS B 61 15.49 16.54 11.31
N SER B 62 14.35 16.84 10.64
CA SER B 62 12.98 16.47 10.97
C SER B 62 12.84 15.10 11.63
N PHE B 63 13.44 14.05 11.02
CA PHE B 63 13.33 12.67 11.48
C PHE B 63 14.39 12.24 12.46
N GLY B 64 15.47 13.02 12.57
CA GLY B 64 16.55 12.69 13.50
C GLY B 64 17.92 12.94 12.96
N SER B 65 18.91 12.85 13.84
CA SER B 65 20.32 13.08 13.55
C SER B 65 21.18 12.37 14.57
N GLY B 66 22.44 12.17 14.26
CA GLY B 66 23.39 11.48 15.11
C GLY B 66 24.77 11.42 14.51
N SER B 67 25.75 11.14 15.35
CA SER B 67 27.17 11.12 15.00
C SER B 67 27.86 9.87 15.50
N THR B 68 28.89 9.39 14.78
CA THR B 68 29.67 8.23 15.24
C THR B 68 30.94 8.75 15.93
N PRO B 69 31.54 8.01 16.90
CA PRO B 69 32.88 8.41 17.38
C PRO B 69 33.91 8.16 16.26
N VAL B 70 35.18 8.58 16.44
CA VAL B 70 36.23 8.33 15.42
C VAL B 70 36.32 6.81 15.17
N ILE B 71 36.08 6.37 13.94
CA ILE B 71 36.11 4.93 13.67
C ILE B 71 37.25 4.49 12.74
N GLY B 72 38.18 5.39 12.42
CA GLY B 72 39.28 5.03 11.56
C GLY B 72 40.13 6.20 11.16
N GLY B 73 41.18 5.87 10.40
CA GLY B 73 42.15 6.82 9.91
C GLY B 73 41.69 7.41 8.59
N ASN B 74 42.53 7.30 7.55
CA ASN B 74 42.19 7.85 6.25
C ASN B 74 41.33 6.89 5.52
N THR B 75 41.78 5.63 5.52
CA THR B 75 41.16 4.50 4.83
C THR B 75 40.87 3.38 5.83
N PHE B 76 39.68 2.78 5.67
CA PHE B 76 39.20 1.65 6.45
C PHE B 76 38.18 0.84 5.66
N ASN B 77 38.07 -0.44 5.99
CA ASN B 77 37.17 -1.37 5.34
C ASN B 77 36.55 -2.24 6.41
N LEU B 78 35.25 -2.14 6.56
CA LEU B 78 34.53 -2.88 7.58
C LEU B 78 33.47 -3.74 6.91
N LYS B 79 33.69 -3.98 5.62
CA LYS B 79 32.77 -4.69 4.73
C LYS B 79 32.64 -6.18 5.05
N ALA B 80 33.61 -6.77 5.75
CA ALA B 80 33.61 -8.19 6.17
C ALA B 80 33.52 -8.30 7.70
N SER B 81 33.48 -7.14 8.37
CA SER B 81 33.37 -6.99 9.81
C SER B 81 31.91 -7.05 10.19
N ARG B 82 31.60 -7.20 11.49
CA ARG B 82 30.23 -7.40 11.97
C ARG B 82 29.42 -6.12 12.14
N GLY B 83 30.07 -5.03 12.48
CA GLY B 83 29.35 -3.79 12.69
C GLY B 83 28.76 -3.72 14.07
N ASN B 84 29.32 -2.84 14.89
CA ASN B 84 28.97 -2.61 16.29
C ASN B 84 28.43 -1.19 16.52
N ASP B 85 28.22 -0.82 17.79
CA ASP B 85 27.68 0.47 18.21
C ASP B 85 28.54 1.68 17.86
N ARG B 86 29.83 1.47 17.63
CA ARG B 86 30.73 2.55 17.29
C ARG B 86 30.65 2.95 15.82
N ASN B 87 30.34 2.01 14.94
CA ASN B 87 30.27 2.32 13.50
C ASN B 87 28.86 2.34 12.90
N ARG B 88 27.84 2.41 13.76
CA ARG B 88 26.47 2.46 13.31
C ARG B 88 25.68 3.57 14.04
N ILE B 89 24.70 4.17 13.31
CA ILE B 89 23.80 5.22 13.78
C ILE B 89 22.37 4.72 13.72
N VAL B 90 21.68 4.73 14.85
CA VAL B 90 20.29 4.32 14.98
C VAL B 90 19.46 5.58 15.17
N LEU B 91 18.34 5.70 14.40
CA LEU B 91 17.45 6.85 14.48
C LEU B 91 16.03 6.39 14.66
N PRO B 92 15.52 6.30 15.91
CA PRO B 92 14.13 5.84 16.10
C PRO B 92 13.08 6.85 15.69
N PHE B 93 11.89 6.37 15.32
CA PHE B 93 10.78 7.21 14.93
C PHE B 93 9.45 6.63 15.40
N SER B 94 8.48 7.51 15.73
CA SER B 94 7.14 7.14 16.23
C SER B 94 6.05 7.49 15.20
N PHE B 95 6.37 8.35 14.24
CA PHE B 95 5.44 8.73 13.18
C PHE B 95 5.38 7.60 12.13
N ALA B 96 4.35 7.63 11.28
CA ALA B 96 4.18 6.64 10.23
C ALA B 96 5.27 6.95 9.20
N TRP B 97 5.97 5.92 8.73
CA TRP B 97 7.08 6.11 7.82
C TRP B 97 6.57 6.57 6.43
N PRO B 98 6.98 7.78 5.99
CA PRO B 98 6.54 8.28 4.68
C PRO B 98 7.16 7.58 3.47
N ARG B 99 8.15 6.66 3.69
CA ARG B 99 8.87 5.93 2.62
C ARG B 99 9.88 6.83 1.95
N SER B 100 9.46 8.03 1.52
CA SER B 100 10.35 8.99 0.91
C SER B 100 11.03 9.79 2.00
N TYR B 101 12.33 10.01 1.83
CA TYR B 101 13.17 10.67 2.81
C TYR B 101 14.28 11.38 2.08
N THR B 102 15.09 12.14 2.82
CA THR B 102 16.28 12.84 2.36
C THR B 102 17.34 12.59 3.44
N LEU B 103 18.45 11.99 3.06
CA LEU B 103 19.53 11.67 3.97
C LEU B 103 20.81 12.41 3.66
N LEU B 104 21.42 12.98 4.69
CA LEU B 104 22.71 13.63 4.58
C LEU B 104 23.67 12.81 5.41
N VAL B 105 24.81 12.45 4.81
CA VAL B 105 25.87 11.74 5.54
C VAL B 105 27.10 12.54 5.28
N GLU B 106 27.92 12.77 6.31
CA GLU B 106 29.16 13.55 6.19
C GLU B 106 30.30 12.88 6.93
N ALA B 107 31.46 12.78 6.30
CA ALA B 107 32.70 12.31 6.91
C ALA B 107 33.42 13.56 7.42
N TRP B 108 33.81 13.57 8.69
CA TRP B 108 34.50 14.70 9.32
C TRP B 108 35.83 14.25 9.93
N ASP B 109 36.73 15.22 10.23
CA ASP B 109 38.03 15.02 10.89
C ASP B 109 37.93 15.56 12.33
N SER B 110 38.23 14.73 13.36
CA SER B 110 38.24 15.14 14.76
C SER B 110 39.60 15.66 15.20
N SER B 111 39.60 16.88 15.76
CA SER B 111 40.76 17.58 16.29
C SER B 111 40.65 17.83 17.81
N ASN B 112 40.61 16.69 18.58
CA ASN B 112 40.58 16.60 20.06
C ASN B 112 41.89 17.21 20.57
N ASP B 113 41.79 18.20 21.50
CA ASP B 113 42.93 18.92 22.10
C ASP B 113 43.91 19.43 21.00
N THR B 114 43.35 20.08 19.95
CA THR B 114 44.09 20.66 18.83
C THR B 114 43.69 22.14 18.70
N VAL B 115 44.64 22.97 18.22
CA VAL B 115 44.49 24.43 18.06
C VAL B 115 43.47 24.81 16.95
N GLN B 116 43.08 23.84 16.08
CA GLN B 116 42.12 24.03 14.96
C GLN B 116 40.80 23.24 15.15
N PRO B 117 39.65 23.66 14.51
CA PRO B 117 38.40 22.94 14.77
C PRO B 117 38.18 21.76 13.82
N ASP B 118 37.12 20.97 14.10
CA ASP B 118 36.72 19.85 13.27
C ASP B 118 36.27 20.38 11.89
N SER B 119 36.77 19.74 10.82
CA SER B 119 36.52 20.11 9.43
C SER B 119 35.97 18.94 8.63
N ILE B 120 35.21 19.26 7.58
CA ILE B 120 34.58 18.25 6.76
C ILE B 120 35.48 17.71 5.66
N ILE B 121 35.52 16.38 5.55
CA ILE B 121 36.30 15.62 4.57
C ILE B 121 35.44 15.55 3.31
N GLU B 122 34.27 14.91 3.44
CA GLU B 122 33.31 14.73 2.37
C GLU B 122 31.87 14.86 2.88
N LYS B 123 30.92 15.14 1.97
CA LYS B 123 29.50 15.36 2.24
C LYS B 123 28.69 14.69 1.16
N ALA B 124 27.82 13.76 1.53
CA ALA B 124 26.94 13.05 0.63
C ALA B 124 25.46 13.37 0.93
N SER B 125 24.65 13.36 -0.10
CA SER B 125 23.24 13.59 0.01
C SER B 125 22.52 12.73 -0.94
N HIS B 126 21.48 12.05 -0.42
CA HIS B 126 20.62 11.15 -1.16
C HIS B 126 19.13 11.32 -0.76
N SER B 127 18.22 11.30 -1.75
CA SER B 127 16.77 11.29 -1.52
C SER B 127 16.28 10.03 -2.22
N GLY B 128 15.37 9.33 -1.55
CA GLY B 128 14.85 8.10 -2.12
C GLY B 128 13.64 7.61 -1.42
N MET B 129 13.36 6.31 -1.63
CA MET B 129 12.24 5.61 -1.02
C MET B 129 12.73 4.31 -0.47
N ILE B 130 12.20 3.95 0.68
CA ILE B 130 12.61 2.77 1.43
C ILE B 130 11.45 2.29 2.27
N ASN B 131 11.21 0.98 2.20
CA ASN B 131 10.14 0.31 2.91
C ASN B 131 10.72 -0.50 4.04
N PRO B 132 9.95 -0.69 5.12
CA PRO B 132 10.44 -1.50 6.23
C PRO B 132 10.85 -2.92 5.80
N SER B 133 12.13 -3.21 5.99
CA SER B 133 12.74 -4.49 5.69
C SER B 133 14.03 -4.59 6.49
N ARG B 134 14.37 -5.83 6.85
CA ARG B 134 15.58 -6.25 7.52
C ARG B 134 16.78 -6.11 6.53
N GLN B 135 16.49 -6.08 5.21
CA GLN B 135 17.48 -6.00 4.16
C GLN B 135 18.06 -4.60 4.00
N TRP B 136 19.40 -4.52 4.17
CA TRP B 136 20.23 -3.35 4.01
C TRP B 136 20.31 -2.90 2.54
N GLN B 137 20.36 -1.57 2.30
CA GLN B 137 20.54 -0.95 0.99
C GLN B 137 21.90 -0.30 0.99
N THR B 138 22.75 -0.62 0.02
CA THR B 138 24.10 -0.06 -0.03
C THR B 138 24.19 1.17 -0.93
N LEU B 139 24.84 2.21 -0.40
CA LEU B 139 25.04 3.49 -1.06
C LEU B 139 26.52 3.92 -1.04
N LYS B 140 27.03 4.35 -2.20
CA LYS B 140 28.40 4.76 -2.40
C LYS B 140 28.48 6.25 -2.69
N GLN B 141 29.48 6.90 -2.09
CA GLN B 141 29.78 8.31 -2.30
C GLN B 141 31.07 8.26 -3.12
N ASN B 142 30.93 8.47 -4.47
CA ASN B 142 31.98 8.38 -5.49
C ASN B 142 32.55 9.71 -5.95
N THR B 143 31.75 10.79 -5.96
CA THR B 143 32.25 12.13 -6.30
C THR B 143 33.37 12.55 -5.27
N GLY B 144 34.10 13.64 -5.58
CA GLY B 144 35.12 14.20 -4.70
C GLY B 144 36.30 13.33 -4.33
N VAL B 145 37.12 13.89 -3.45
CA VAL B 145 38.39 13.38 -2.92
C VAL B 145 38.21 12.03 -2.28
N ALA B 146 37.36 12.04 -1.21
CA ALA B 146 37.03 10.94 -0.33
C ALA B 146 35.81 10.14 -0.76
N HIS B 147 35.99 8.84 -0.72
CA HIS B 147 34.99 7.89 -1.08
C HIS B 147 34.64 7.17 0.15
N PHE B 148 33.35 6.98 0.37
CA PHE B 148 32.83 6.20 1.48
C PHE B 148 31.60 5.40 1.06
N GLU B 149 31.37 4.30 1.76
CA GLU B 149 30.24 3.42 1.53
C GLU B 149 29.52 3.32 2.85
N TYR B 150 28.20 3.31 2.76
CA TYR B 150 27.28 3.13 3.88
C TYR B 150 26.09 2.37 3.40
N GLN B 151 25.37 1.77 4.34
CA GLN B 151 24.15 1.02 4.09
C GLN B 151 23.08 1.45 5.10
N ILE B 152 21.83 1.50 4.66
CA ILE B 152 20.68 1.94 5.43
C ILE B 152 19.52 0.93 5.36
N ARG B 153 18.65 0.95 6.35
CA ARG B 153 17.42 0.16 6.42
C ARG B 153 16.44 0.82 7.39
N VAL B 154 15.18 0.36 7.35
CA VAL B 154 14.04 0.82 8.15
C VAL B 154 13.36 -0.47 8.66
N THR B 155 13.30 -0.65 9.97
CA THR B 155 12.71 -1.85 10.54
C THR B 155 11.62 -1.49 11.51
N CYS B 156 10.61 -2.36 11.62
CA CYS B 156 9.50 -2.15 12.52
C CYS B 156 9.81 -2.76 13.88
N ASP B 157 9.45 -1.98 14.94
CA ASP B 157 9.61 -2.38 16.34
C ASP B 157 8.61 -3.49 16.57
N ASP B 158 8.81 -4.34 17.60
CA ASP B 158 7.89 -5.46 17.92
C ASP B 158 6.42 -5.06 17.87
N TYR B 159 5.60 -5.91 17.25
CA TYR B 159 4.13 -5.78 17.14
C TYR B 159 3.67 -4.70 16.15
N TYR B 160 4.61 -4.04 15.44
CA TYR B 160 4.25 -3.05 14.42
C TYR B 160 4.36 -3.60 13.02
N TYR B 161 3.35 -3.26 12.21
CA TYR B 161 3.15 -3.74 10.86
C TYR B 161 2.92 -2.62 9.84
N GLY B 162 2.83 -3.01 8.57
CA GLY B 162 2.62 -2.11 7.45
C GLY B 162 3.86 -1.36 6.97
N PHE B 163 3.72 -0.65 5.83
CA PHE B 163 4.73 0.17 5.17
C PHE B 163 5.18 1.40 5.99
N GLY B 164 4.42 1.76 7.01
CA GLY B 164 4.74 2.91 7.85
C GLY B 164 5.03 2.57 9.29
N CYS B 165 5.13 1.25 9.60
CA CYS B 165 5.38 0.68 10.93
C CYS B 165 4.40 1.21 11.97
N ASN B 166 3.17 1.59 11.55
CA ASN B 166 2.18 2.19 12.45
C ASN B 166 1.11 1.24 12.95
N LYS B 167 0.73 0.24 12.14
CA LYS B 167 -0.31 -0.71 12.49
C LYS B 167 0.14 -1.63 13.61
N PHE B 168 -0.33 -1.35 14.84
CA PHE B 168 -0.02 -2.19 16.00
C PHE B 168 -0.96 -3.38 16.04
N CYS B 169 -0.42 -4.54 16.40
CA CYS B 169 -1.19 -5.74 16.64
C CYS B 169 -0.42 -6.66 17.56
N ARG B 170 -0.96 -6.90 18.73
CA ARG B 170 -0.38 -7.86 19.67
C ARG B 170 -1.41 -8.97 19.91
N PRO B 171 -1.07 -10.25 19.61
CA PRO B 171 -2.02 -11.32 19.83
C PRO B 171 -2.37 -11.43 21.31
N ARG B 172 -3.65 -11.72 21.59
CA ARG B 172 -4.19 -11.88 22.95
C ARG B 172 -5.35 -12.90 23.01
N ASP B 173 -5.63 -13.34 24.24
CA ASP B 173 -6.67 -14.30 24.64
C ASP B 173 -7.19 -13.85 26.03
N ASP B 174 -7.73 -12.63 26.09
CA ASP B 174 -8.21 -12.07 27.34
C ASP B 174 -9.55 -11.33 27.17
N PHE B 175 -9.95 -10.55 28.20
CA PHE B 175 -11.19 -9.77 28.25
C PHE B 175 -11.39 -8.84 27.05
N PHE B 176 -10.28 -8.37 26.46
CA PHE B 176 -10.26 -7.44 25.35
C PHE B 176 -10.35 -8.13 23.99
N GLY B 177 -9.81 -9.34 23.89
CA GLY B 177 -9.84 -10.08 22.64
C GLY B 177 -9.23 -11.45 22.65
N HIS B 178 -9.68 -12.28 21.71
CA HIS B 178 -9.24 -13.66 21.47
C HIS B 178 -8.86 -13.68 20.00
N TYR B 179 -7.59 -13.32 19.72
CA TYR B 179 -7.10 -13.22 18.36
C TYR B 179 -5.60 -13.38 18.20
N ALA B 180 -5.20 -13.51 16.93
CA ALA B 180 -3.83 -13.66 16.45
C ALA B 180 -3.58 -12.68 15.32
N CYS B 181 -2.33 -12.26 15.11
CA CYS B 181 -2.06 -11.34 14.01
C CYS B 181 -1.64 -12.07 12.74
N ASP B 182 -2.28 -11.69 11.61
CA ASP B 182 -1.91 -12.24 10.32
C ASP B 182 -0.67 -11.48 9.88
N GLN B 183 -0.04 -11.92 8.79
CA GLN B 183 1.21 -11.33 8.29
C GLN B 183 1.17 -9.79 8.11
N ASN B 184 -0.05 -9.24 7.94
CA ASN B 184 -0.35 -7.82 7.70
C ASN B 184 -0.70 -6.98 8.91
N GLY B 185 -0.79 -7.60 10.08
CA GLY B 185 -1.14 -6.91 11.31
C GLY B 185 -2.63 -6.74 11.54
N ASN B 186 -3.44 -7.55 10.81
CA ASN B 186 -4.90 -7.61 10.92
C ASN B 186 -5.20 -8.72 11.96
N LYS B 187 -6.33 -8.63 12.67
CA LYS B 187 -6.71 -9.59 13.71
C LYS B 187 -7.47 -10.78 13.12
N THR B 188 -7.04 -12.01 13.42
CA THR B 188 -7.74 -13.21 12.94
C THR B 188 -8.31 -13.92 14.16
N CYS B 189 -9.63 -13.77 14.33
CA CYS B 189 -10.39 -14.24 15.47
C CYS B 189 -10.30 -15.73 15.68
N MET B 190 -10.17 -16.13 16.96
CA MET B 190 -10.12 -17.50 17.41
C MET B 190 -11.47 -18.16 17.17
N GLU B 191 -11.50 -19.51 17.03
CA GLU B 191 -12.76 -20.22 16.82
C GLU B 191 -13.72 -19.85 17.95
N GLY B 192 -14.90 -19.35 17.57
CA GLY B 192 -15.92 -18.90 18.51
C GLY B 192 -16.07 -17.40 18.74
N TRP B 193 -15.17 -16.57 18.18
CA TRP B 193 -15.20 -15.12 18.39
C TRP B 193 -15.36 -14.29 17.11
N MET B 194 -15.91 -13.04 17.24
CA MET B 194 -16.16 -12.16 16.11
C MET B 194 -16.09 -10.66 16.45
N GLY B 195 -16.29 -9.82 15.44
CA GLY B 195 -16.29 -8.38 15.59
C GLY B 195 -14.92 -7.76 15.34
N PRO B 196 -14.86 -6.42 15.16
CA PRO B 196 -13.57 -5.74 14.90
C PRO B 196 -12.40 -6.08 15.83
N GLU B 197 -12.65 -6.24 17.15
CA GLU B 197 -11.58 -6.55 18.11
C GLU B 197 -11.62 -8.02 18.62
N CYS B 198 -12.40 -8.89 17.94
CA CYS B 198 -12.59 -10.31 18.24
C CYS B 198 -13.08 -10.50 19.68
N ASN B 199 -14.13 -9.74 20.05
CA ASN B 199 -14.74 -9.64 21.38
C ASN B 199 -16.08 -10.36 21.56
N ARG B 200 -16.95 -10.24 20.57
CA ARG B 200 -18.27 -10.82 20.56
C ARG B 200 -18.19 -12.36 20.39
N ALA B 201 -18.71 -13.12 21.36
CA ALA B 201 -18.70 -14.59 21.26
C ALA B 201 -19.84 -15.05 20.33
N ILE B 202 -19.56 -15.97 19.43
CA ILE B 202 -20.58 -16.46 18.50
C ILE B 202 -21.35 -17.49 19.31
N CYS B 203 -22.63 -17.20 19.50
CA CYS B 203 -23.49 -18.01 20.34
C CYS B 203 -23.97 -19.27 19.64
N ARG B 204 -24.76 -20.09 20.34
CA ARG B 204 -25.31 -21.35 19.85
C ARG B 204 -26.02 -21.11 18.51
N GLN B 205 -25.91 -22.07 17.56
CA GLN B 205 -26.59 -21.98 16.29
C GLN B 205 -28.10 -22.07 16.55
N GLY B 206 -28.83 -20.98 16.32
CA GLY B 206 -30.28 -20.94 16.54
C GLY B 206 -30.75 -20.17 17.77
N CYS B 207 -29.79 -19.70 18.61
CA CYS B 207 -30.03 -18.92 19.84
C CYS B 207 -30.87 -17.70 19.50
N SER B 208 -31.86 -17.35 20.37
CA SER B 208 -32.75 -16.24 20.10
C SER B 208 -32.03 -14.92 19.97
N PRO B 209 -32.14 -14.25 18.80
CA PRO B 209 -31.49 -12.94 18.67
C PRO B 209 -32.15 -11.95 19.64
N LYS B 210 -33.47 -12.17 19.98
CA LYS B 210 -34.25 -11.33 20.86
C LYS B 210 -34.20 -11.71 22.35
N HIS B 211 -34.03 -13.02 22.71
CA HIS B 211 -34.05 -13.38 24.14
C HIS B 211 -32.81 -14.14 24.67
N GLY B 212 -31.87 -14.42 23.79
CA GLY B 212 -30.64 -15.11 24.14
C GLY B 212 -29.43 -14.25 23.86
N SER B 213 -28.30 -14.55 24.55
CA SER B 213 -27.00 -13.86 24.44
C SER B 213 -25.91 -14.76 24.97
N CYS B 214 -24.66 -14.40 24.80
CA CYS B 214 -23.57 -15.19 25.36
C CYS B 214 -22.34 -14.37 25.58
N LYS B 215 -21.62 -14.75 26.62
CA LYS B 215 -20.40 -14.13 27.10
C LYS B 215 -19.26 -15.06 26.70
N LEU B 216 -19.57 -16.35 26.61
CA LEU B 216 -18.67 -17.42 26.17
C LEU B 216 -19.23 -18.03 24.87
N PRO B 217 -18.38 -18.46 23.90
CA PRO B 217 -18.93 -18.96 22.63
C PRO B 217 -19.64 -20.30 22.66
N GLY B 218 -20.74 -20.38 21.93
CA GLY B 218 -21.51 -21.61 21.84
C GLY B 218 -22.71 -21.67 22.76
N ASP B 219 -22.64 -20.96 23.90
CA ASP B 219 -23.71 -20.89 24.90
C ASP B 219 -24.90 -20.02 24.42
N CYS B 220 -26.00 -20.06 25.17
CA CYS B 220 -27.19 -19.25 24.95
C CYS B 220 -27.83 -18.95 26.32
N ARG B 221 -27.46 -17.79 26.94
CA ARG B 221 -27.96 -17.29 28.22
C ARG B 221 -29.25 -16.49 27.98
N CYS B 222 -30.32 -16.91 28.66
CA CYS B 222 -31.65 -16.39 28.52
C CYS B 222 -31.88 -15.13 29.30
N GLN B 223 -32.60 -14.22 28.67
CA GLN B 223 -33.12 -12.99 29.24
C GLN B 223 -34.13 -13.48 30.29
N TYR B 224 -34.47 -12.63 31.23
CA TYR B 224 -35.43 -12.91 32.30
C TYR B 224 -36.79 -13.28 31.76
N GLY B 225 -37.25 -14.47 32.11
CA GLY B 225 -38.56 -14.94 31.69
C GLY B 225 -38.55 -15.90 30.52
N TRP B 226 -37.36 -16.06 29.89
CA TRP B 226 -37.16 -16.96 28.74
C TRP B 226 -36.33 -18.15 29.11
N GLN B 227 -36.57 -19.29 28.47
CA GLN B 227 -35.89 -20.55 28.77
C GLN B 227 -35.76 -21.44 27.52
N GLY B 228 -35.08 -22.58 27.65
CA GLY B 228 -34.89 -23.51 26.55
C GLY B 228 -33.49 -23.39 25.98
N LEU B 229 -33.13 -24.38 25.14
CA LEU B 229 -31.80 -24.48 24.53
C LEU B 229 -31.47 -23.20 23.70
N TYR B 230 -32.48 -22.62 23.04
CA TYR B 230 -32.32 -21.44 22.22
C TYR B 230 -32.95 -20.18 22.82
N CYS B 231 -33.37 -20.22 24.10
CA CYS B 231 -34.05 -19.11 24.81
C CYS B 231 -35.28 -18.61 24.05
N ASP B 232 -35.93 -19.56 23.40
CA ASP B 232 -37.07 -19.47 22.50
C ASP B 232 -38.44 -19.46 23.21
N LYS B 233 -38.54 -20.15 24.38
CA LYS B 233 -39.75 -20.40 25.16
C LYS B 233 -39.91 -19.55 26.40
N CYS B 234 -41.14 -19.11 26.67
CA CYS B 234 -41.42 -18.34 27.86
C CYS B 234 -41.56 -19.26 29.05
N ILE B 235 -41.36 -18.70 30.24
CA ILE B 235 -41.55 -19.40 31.49
C ILE B 235 -42.97 -19.04 31.93
N PRO B 236 -43.86 -20.07 32.11
CA PRO B 236 -45.24 -19.77 32.55
C PRO B 236 -45.24 -19.35 34.00
N HIS B 237 -46.36 -18.80 34.46
CA HIS B 237 -46.50 -18.37 35.85
C HIS B 237 -46.19 -19.55 36.81
N PRO B 238 -45.37 -19.39 37.86
CA PRO B 238 -45.17 -20.53 38.78
C PRO B 238 -46.53 -20.89 39.41
N GLY B 239 -46.82 -22.18 39.47
CA GLY B 239 -48.11 -22.62 40.01
C GLY B 239 -49.16 -22.83 38.95
N CYS B 240 -48.77 -22.62 37.68
CA CYS B 240 -49.58 -22.80 36.49
C CYS B 240 -49.59 -24.27 36.13
N VAL B 241 -50.78 -24.87 36.17
CA VAL B 241 -51.03 -26.27 35.81
C VAL B 241 -52.09 -26.22 34.70
N HIS B 242 -52.06 -27.13 33.71
CA HIS B 242 -53.04 -27.11 32.59
C HIS B 242 -53.19 -25.73 31.94
N GLY B 243 -52.05 -25.07 31.77
CA GLY B 243 -51.97 -23.75 31.15
C GLY B 243 -50.68 -23.62 30.36
N ILE B 244 -50.69 -22.73 29.38
CA ILE B 244 -49.56 -22.39 28.49
C ILE B 244 -49.27 -20.88 28.61
N CYS B 245 -48.19 -20.40 27.99
CA CYS B 245 -47.87 -18.97 27.91
C CYS B 245 -47.41 -18.60 26.49
N ASN B 246 -47.50 -17.31 26.16
CA ASN B 246 -47.00 -16.78 24.89
C ASN B 246 -45.88 -15.85 25.27
N GLU B 247 -46.14 -15.06 26.33
CA GLU B 247 -45.23 -14.14 26.99
C GLU B 247 -44.89 -14.68 28.41
N PRO B 248 -43.76 -14.27 29.05
CA PRO B 248 -43.46 -14.83 30.36
C PRO B 248 -44.50 -14.50 31.45
N TRP B 249 -44.61 -15.42 32.43
CA TRP B 249 -45.45 -15.33 33.64
C TRP B 249 -46.96 -15.41 33.36
N GLN B 250 -47.35 -15.68 32.10
CA GLN B 250 -48.74 -15.86 31.77
C GLN B 250 -49.13 -17.28 32.14
N CYS B 251 -50.43 -17.49 32.27
CA CYS B 251 -51.01 -18.80 32.49
C CYS B 251 -52.37 -18.79 31.78
N LEU B 252 -52.32 -19.08 30.47
CA LEU B 252 -53.45 -19.13 29.56
C LEU B 252 -53.87 -20.58 29.51
N CYS B 253 -55.07 -20.81 29.96
CA CYS B 253 -55.66 -22.10 30.24
C CYS B 253 -55.99 -22.91 29.04
N GLU B 254 -55.85 -24.23 29.20
CA GLU B 254 -56.22 -25.26 28.22
C GLU B 254 -57.75 -25.45 28.26
N THR B 255 -58.31 -26.22 27.31
CA THR B 255 -59.77 -26.43 27.24
C THR B 255 -60.32 -27.09 28.51
N ASN B 256 -61.40 -26.51 29.04
CA ASN B 256 -62.14 -26.92 30.24
C ASN B 256 -61.31 -26.84 31.50
N TRP B 257 -60.42 -25.85 31.57
CA TRP B 257 -59.60 -25.51 32.73
C TRP B 257 -59.70 -24.03 32.89
N GLY B 258 -60.08 -23.61 34.07
CA GLY B 258 -60.24 -22.21 34.36
C GLY B 258 -59.45 -21.76 35.55
N GLY B 259 -59.42 -20.45 35.71
CA GLY B 259 -58.75 -19.82 36.83
C GLY B 259 -57.46 -19.14 36.50
N GLN B 260 -56.88 -18.52 37.54
CA GLN B 260 -55.60 -17.82 37.51
C GLN B 260 -54.51 -18.82 37.19
N LEU B 261 -54.56 -20.00 37.82
CA LEU B 261 -53.56 -21.04 37.65
C LEU B 261 -54.05 -22.25 36.88
N CYS B 262 -55.27 -22.14 36.29
CA CYS B 262 -55.90 -23.22 35.50
C CYS B 262 -55.92 -24.56 36.28
N ASP B 263 -56.20 -24.43 37.56
CA ASP B 263 -56.30 -25.47 38.58
C ASP B 263 -57.75 -25.96 38.71
N LYS B 264 -58.71 -25.16 38.19
CA LYS B 264 -60.14 -25.44 38.27
C LYS B 264 -60.66 -26.17 37.05
N ASP B 265 -61.31 -27.33 37.26
CA ASP B 265 -61.90 -28.17 36.20
C ASP B 265 -63.31 -27.73 35.86
N LEU B 266 -63.46 -27.27 34.62
CA LEU B 266 -64.71 -26.78 34.05
C LEU B 266 -65.59 -27.91 33.51
N ASN B 267 -65.02 -29.14 33.39
CA ASN B 267 -65.73 -30.35 32.94
C ASN B 267 -65.49 -31.50 33.92
N TYR B 268 -65.85 -31.27 35.20
CA TYR B 268 -65.72 -32.26 36.27
C TYR B 268 -66.44 -33.56 35.89
N CYS B 269 -67.61 -33.44 35.25
CA CYS B 269 -68.45 -34.56 34.78
C CYS B 269 -67.68 -35.53 33.90
N GLY B 270 -66.96 -35.00 32.92
CA GLY B 270 -66.18 -35.81 32.01
C GLY B 270 -64.93 -36.39 32.65
N THR B 271 -64.22 -35.57 33.42
CA THR B 271 -62.95 -35.95 34.07
C THR B 271 -63.09 -37.05 35.14
N HIS B 272 -64.13 -36.99 35.98
CA HIS B 272 -64.29 -37.91 37.11
C HIS B 272 -65.48 -38.89 37.02
N GLN B 273 -66.53 -38.55 36.23
CA GLN B 273 -67.78 -39.35 36.08
C GLN B 273 -68.35 -39.65 37.50
N PRO B 274 -68.90 -38.62 38.18
CA PRO B 274 -69.27 -38.81 39.60
C PRO B 274 -70.59 -39.50 39.89
N CYS B 275 -71.67 -39.20 39.14
CA CYS B 275 -72.99 -39.78 39.43
C CYS B 275 -73.00 -41.28 39.27
N LEU B 276 -73.61 -41.95 40.23
CA LEU B 276 -73.73 -43.41 40.23
C LEU B 276 -75.17 -43.79 39.88
N ASN B 277 -75.44 -45.11 39.81
CA ASN B 277 -76.74 -45.76 39.57
C ASN B 277 -77.64 -45.10 38.51
N GLY B 278 -77.03 -44.72 37.39
CA GLY B 278 -77.72 -44.12 36.25
C GLY B 278 -78.05 -42.63 36.35
N GLY B 279 -77.36 -41.94 37.26
CA GLY B 279 -77.55 -40.51 37.47
C GLY B 279 -76.96 -39.69 36.34
N THR B 280 -77.51 -38.48 36.11
CA THR B 280 -77.03 -37.61 35.04
C THR B 280 -76.26 -36.41 35.63
N CYS B 281 -74.96 -36.31 35.26
CA CYS B 281 -74.06 -35.25 35.69
C CYS B 281 -74.23 -34.01 34.83
N SER B 282 -74.09 -32.85 35.44
CA SER B 282 -74.16 -31.57 34.75
C SER B 282 -73.18 -30.62 35.45
N ASN B 283 -72.20 -30.07 34.70
CA ASN B 283 -71.20 -29.16 35.26
C ASN B 283 -71.84 -27.84 35.74
N THR B 284 -71.65 -27.48 37.03
CA THR B 284 -72.25 -26.25 37.57
C THR B 284 -71.16 -25.19 37.94
N GLY B 285 -70.05 -25.19 37.21
CA GLY B 285 -68.97 -24.22 37.41
C GLY B 285 -67.59 -24.81 37.64
N PRO B 286 -66.65 -23.95 38.13
CA PRO B 286 -65.27 -24.42 38.37
C PRO B 286 -65.18 -25.41 39.53
N ASP B 287 -64.83 -26.67 39.19
CA ASP B 287 -64.75 -27.83 40.09
C ASP B 287 -66.13 -28.15 40.77
N LYS B 288 -67.23 -27.67 40.14
CA LYS B 288 -68.61 -27.89 40.60
C LYS B 288 -69.41 -28.68 39.55
N TYR B 289 -70.44 -29.42 40.02
CA TYR B 289 -71.38 -30.24 39.25
C TYR B 289 -72.62 -30.55 40.08
N GLN B 290 -73.63 -31.18 39.46
CA GLN B 290 -74.87 -31.60 40.11
C GLN B 290 -75.35 -32.92 39.50
N CYS B 291 -76.02 -33.78 40.30
CA CYS B 291 -76.53 -35.06 39.81
C CYS B 291 -78.03 -35.12 39.74
N SER B 292 -78.55 -35.57 38.59
CA SER B 292 -79.97 -35.78 38.40
C SER B 292 -80.16 -37.26 38.60
N CYS B 293 -80.66 -37.59 39.78
CA CYS B 293 -80.81 -38.95 40.28
C CYS B 293 -82.06 -39.65 39.79
N PRO B 294 -81.94 -40.93 39.33
CA PRO B 294 -83.14 -41.68 38.93
C PRO B 294 -83.94 -42.02 40.17
N GLU B 295 -85.19 -42.48 40.01
CA GLU B 295 -86.06 -42.78 41.16
C GLU B 295 -85.51 -43.87 42.07
N GLY B 296 -85.61 -43.64 43.38
CA GLY B 296 -85.11 -44.55 44.40
C GLY B 296 -83.66 -44.35 44.78
N TYR B 297 -83.01 -43.38 44.11
CA TYR B 297 -81.62 -43.02 44.36
C TYR B 297 -81.54 -41.56 44.75
N SER B 298 -80.77 -41.30 45.82
CA SER B 298 -80.63 -39.99 46.46
C SER B 298 -79.18 -39.65 46.78
N GLY B 299 -78.93 -38.38 47.08
CA GLY B 299 -77.61 -37.89 47.43
C GLY B 299 -76.92 -37.08 46.35
N PRO B 300 -75.73 -36.50 46.68
CA PRO B 300 -75.02 -35.68 45.69
C PRO B 300 -74.55 -36.46 44.45
N ASN B 301 -74.39 -37.80 44.56
CA ASN B 301 -73.94 -38.70 43.50
C ASN B 301 -74.85 -39.93 43.32
N CYS B 302 -76.11 -39.87 43.81
CA CYS B 302 -77.10 -40.95 43.74
C CYS B 302 -76.63 -42.23 44.46
N GLU B 303 -75.85 -42.06 45.53
CA GLU B 303 -75.28 -43.14 46.33
C GLU B 303 -76.24 -43.69 47.40
N ILE B 304 -77.31 -42.95 47.76
CA ILE B 304 -78.30 -43.39 48.75
C ILE B 304 -79.45 -44.12 48.06
N VAL B 305 -79.47 -45.44 48.23
CA VAL B 305 -80.44 -46.39 47.65
C VAL B 305 -81.70 -46.46 48.54
N ASP B 306 -82.81 -47.06 48.03
CA ASP B 306 -84.10 -47.27 48.70
C ASP B 306 -84.75 -45.97 49.17
C1 NAG C . 3.12 5.60 -27.97
C2 NAG C . 4.30 4.64 -28.04
C3 NAG C . 3.98 3.39 -28.89
C4 NAG C . 2.62 2.81 -28.52
C5 NAG C . 1.56 3.91 -28.62
C6 NAG C . 0.13 3.45 -28.37
C7 NAG C . 6.62 5.45 -27.91
C8 NAG C . 7.71 6.20 -28.64
N2 NAG C . 5.46 5.33 -28.58
O3 NAG C . 5.00 2.41 -28.73
O4 NAG C . 2.30 1.76 -29.42
O5 NAG C . 1.87 4.96 -27.69
O6 NAG C . -0.32 3.68 -27.05
O7 NAG C . 6.79 4.98 -26.79
C1 FUC D . 81.70 38.07 -20.94
C2 FUC D . 81.72 39.18 -22.01
C3 FUC D . 82.11 40.53 -21.42
C4 FUC D . 83.42 40.45 -20.64
C5 FUC D . 83.30 39.39 -19.55
C6 FUC D . 84.59 39.15 -18.80
O2 FUC D . 80.45 39.28 -22.66
O3 FUC D . 82.19 41.51 -22.45
O4 FUC D . 84.48 40.15 -21.53
O5 FUC D . 82.89 38.13 -20.14
CA CA E . -42.81 -15.17 -9.61
CL CL F . 15.67 7.42 -17.48
CL CL G . -37.74 -5.05 -25.20
CL CL H . -22.95 -13.86 -32.32
CL CL I . 6.90 5.54 -5.85
C1 NAG J . -5.99 -5.77 6.34
C2 NAG J . -7.16 -4.82 6.64
C3 NAG J . -7.16 -3.56 5.77
C4 NAG J . -5.75 -2.97 5.66
C5 NAG J . -4.79 -4.04 5.17
C6 NAG J . -3.36 -3.56 4.92
C7 NAG J . -9.29 -5.64 7.55
C8 NAG J . -10.55 -6.41 7.23
N2 NAG J . -8.43 -5.51 6.54
O3 NAG J . -8.06 -2.59 6.30
O4 NAG J . -5.78 -1.85 4.77
O5 NAG J . -4.73 -5.12 6.12
O6 NAG J . -2.48 -3.76 6.02
O7 NAG J . -9.08 -5.17 8.67
CA CA K . 42.64 15.40 13.56
CL CL L . -15.53 -6.36 18.90
C1 EDO M . 33.21 4.25 -1.90
O1 EDO M . 33.52 4.21 -3.29
C2 EDO M . 34.06 3.21 -1.04
O2 EDO M . 35.33 3.66 -0.55
H11 EDO M . 32.15 4.02 -1.88
H12 EDO M . 33.28 5.27 -1.50
HO1 EDO M . 32.73 4.58 -3.78
H21 EDO M . 34.13 2.25 -1.56
H22 EDO M . 33.53 3.01 -0.11
HO2 EDO M . 35.54 3.13 0.26
C1 EDO N . 47.67 22.73 3.35
O1 EDO N . 46.85 22.54 2.16
C2 EDO N . 49.00 23.60 3.10
O2 EDO N . 48.90 24.48 1.99
H11 EDO N . 47.92 21.71 3.65
H12 EDO N . 47.09 23.14 4.17
HO1 EDO N . 46.37 23.39 1.97
H21 EDO N . 49.88 22.97 2.99
H22 EDO N . 49.18 24.26 3.94
HO2 EDO N . 49.76 24.44 1.52
CL CL O . 31.24 -7.28 0.59
#